data_8OOX
#
_entry.id   8OOX
#
_cell.length_a   226.465
_cell.length_b   226.465
_cell.length_c   226.465
_cell.angle_alpha   90.00
_cell.angle_beta   90.00
_cell.angle_gamma   90.00
#
_symmetry.space_group_name_H-M   'P 43 3 2'
#
loop_
_entity.id
_entity.type
_entity.pdbx_description
1 polymer 'Glutamine synthetase'
2 non-polymer 'CITRIC ACID'
3 non-polymer 'MAGNESIUM ION'
4 non-polymer GLYCEROL
#
_entity_poly.entity_id   1
_entity_poly.type   'polypeptide(L)'
_entity_poly.pdbx_seq_one_letter_code
;MGSKEDEIFRIVEEKNVRFVRLQFVDVQGIPKNVAIPVGQLEKALGPGIHFDGSSIEGFVRIEESDMVLRPDPDTFRVLP
WSGNEGTAEARLICDIELPDGKPFMGCPRQVLKKNMEEAAKLGYVMNTGPEMEFFLFKRQDGMPTNIPQDRGGYFDLAPI
DLAEEIKREIVLVLEEMGFEVEAAHHEVAFGQHEIDFKYDNALATADNVITLKYVAKTLALQHGLHATFMPKPIFGVNGS
GMHTNTSLFKDGKNAFYDPDAPDQISDTLRYFVGGVLKHIRAITAITNPLVNSYKRLVPGYEAPVYITWSGPNRSSLIRV
PAPRGNSTRIEIRSPDPSCNPYLAFAAILAAGLDGVKNKIEPPERVEKNIYKLTEEEREKLGIGMLPGTLKEAIECFKED
ELLVSALGEHVSQSIINVAMADWDSYRTQVHQWELDRYLQTY
;
_entity_poly.pdbx_strand_id   A,B
#
# COMPACT_ATOMS: atom_id res chain seq x y z
N SER A 3 -6.82 -25.27 -16.91
CA SER A 3 -7.43 -24.52 -15.82
C SER A 3 -7.38 -23.02 -16.12
N LYS A 4 -8.00 -22.22 -15.25
CA LYS A 4 -7.96 -20.78 -15.41
C LYS A 4 -6.53 -20.25 -15.32
N GLU A 5 -5.73 -20.83 -14.40
CA GLU A 5 -4.35 -20.36 -14.25
C GLU A 5 -3.53 -20.58 -15.52
N ASP A 6 -3.82 -21.64 -16.26
CA ASP A 6 -3.05 -21.92 -17.47
C ASP A 6 -3.29 -20.84 -18.53
N GLU A 7 -4.53 -20.39 -18.70
CA GLU A 7 -4.80 -19.36 -19.69
C GLU A 7 -4.22 -18.02 -19.26
N ILE A 8 -4.12 -17.76 -17.95
CA ILE A 8 -3.51 -16.52 -17.49
C ILE A 8 -2.08 -16.41 -17.98
N PHE A 9 -1.32 -17.50 -17.93
CA PHE A 9 0.06 -17.47 -18.38
C PHE A 9 0.16 -17.47 -19.90
N ARG A 10 -0.83 -18.05 -20.59
CA ARG A 10 -0.88 -17.92 -22.04
C ARG A 10 -1.03 -16.47 -22.46
N ILE A 11 -1.89 -15.72 -21.75
CA ILE A 11 -2.08 -14.31 -22.07
C ILE A 11 -0.82 -13.52 -21.75
N VAL A 12 -0.12 -13.88 -20.68
CA VAL A 12 1.07 -13.14 -20.26
C VAL A 12 2.12 -13.15 -21.37
N GLU A 13 2.34 -14.31 -21.99
CA GLU A 13 3.39 -14.40 -23.00
C GLU A 13 2.99 -13.68 -24.28
N GLU A 14 1.71 -13.77 -24.67
CA GLU A 14 1.28 -13.15 -25.92
C GLU A 14 1.30 -11.63 -25.82
N LYS A 15 0.70 -11.08 -24.76
CA LYS A 15 0.66 -9.64 -24.56
C LYS A 15 1.93 -9.10 -23.90
N ASN A 16 2.86 -9.98 -23.57
CA ASN A 16 4.16 -9.60 -22.95
C ASN A 16 3.94 -8.80 -21.66
N VAL A 17 3.06 -9.29 -20.79
CA VAL A 17 2.78 -8.67 -19.49
C VAL A 17 3.99 -8.90 -18.58
N ARG A 18 4.41 -7.83 -17.91
CA ARG A 18 5.59 -7.88 -17.05
C ARG A 18 5.29 -7.54 -15.59
N PHE A 19 4.13 -6.96 -15.29
CA PHE A 19 3.75 -6.65 -13.93
C PHE A 19 2.28 -6.97 -13.73
N VAL A 20 1.94 -7.40 -12.53
CA VAL A 20 0.57 -7.74 -12.15
C VAL A 20 0.24 -7.03 -10.85
N ARG A 21 -0.86 -6.28 -10.86
CA ARG A 21 -1.32 -5.56 -9.68
C ARG A 21 -2.37 -6.40 -8.95
N LEU A 22 -2.18 -6.59 -7.66
CA LEU A 22 -3.10 -7.38 -6.83
C LEU A 22 -4.06 -6.41 -6.14
N GLN A 23 -5.25 -6.26 -6.72
CA GLN A 23 -6.22 -5.27 -6.27
C GLN A 23 -7.07 -5.79 -5.11
N PHE A 24 -7.53 -4.88 -4.29
CA PHE A 24 -8.59 -5.12 -3.31
C PHE A 24 -9.04 -3.76 -2.78
N VAL A 25 -9.94 -3.76 -1.79
CA VAL A 25 -10.47 -2.53 -1.23
C VAL A 25 -10.50 -2.64 0.29
N ASP A 26 -10.39 -1.50 0.96
CA ASP A 26 -10.63 -1.42 2.38
C ASP A 26 -12.14 -1.30 2.62
N VAL A 27 -12.54 -1.05 3.86
CA VAL A 27 -13.97 -0.94 4.14
C VAL A 27 -14.57 0.26 3.42
N GLN A 28 -13.76 1.30 3.19
CA GLN A 28 -14.26 2.51 2.55
C GLN A 28 -14.45 2.38 1.04
N GLY A 29 -14.00 1.26 0.46
CA GLY A 29 -14.11 1.09 -0.98
C GLY A 29 -12.98 1.69 -1.77
N ILE A 30 -11.96 2.22 -1.12
CA ILE A 30 -10.82 2.82 -1.83
C ILE A 30 -9.96 1.70 -2.41
N PRO A 31 -9.63 1.73 -3.70
CA PRO A 31 -8.80 0.65 -4.25
C PRO A 31 -7.42 0.62 -3.60
N LYS A 32 -6.95 -0.59 -3.32
CA LYS A 32 -5.60 -0.83 -2.84
C LYS A 32 -4.98 -1.91 -3.70
N ASN A 33 -3.66 -1.84 -3.90
CA ASN A 33 -3.01 -2.83 -4.73
C ASN A 33 -1.54 -2.93 -4.36
N VAL A 34 -0.95 -4.07 -4.74
CA VAL A 34 0.47 -4.32 -4.65
C VAL A 34 0.95 -4.73 -6.04
N ALA A 35 2.06 -4.15 -6.48
CA ALA A 35 2.64 -4.51 -7.77
C ALA A 35 3.67 -5.61 -7.57
N ILE A 36 3.51 -6.72 -8.28
CA ILE A 36 4.48 -7.81 -8.23
C ILE A 36 5.00 -8.07 -9.64
N PRO A 37 6.30 -8.34 -9.82
CA PRO A 37 6.77 -8.75 -11.15
C PRO A 37 6.11 -10.04 -11.58
N VAL A 38 6.02 -10.23 -12.89
CA VAL A 38 5.33 -11.40 -13.43
C VAL A 38 6.01 -12.70 -13.00
N GLY A 39 7.26 -12.62 -12.54
CA GLY A 39 7.93 -13.79 -12.01
C GLY A 39 7.35 -14.30 -10.71
N GLN A 40 6.66 -13.44 -9.97
CA GLN A 40 6.00 -13.80 -8.72
C GLN A 40 4.55 -14.23 -8.93
N LEU A 41 4.06 -14.23 -10.16
CA LEU A 41 2.65 -14.54 -10.40
C LEU A 41 2.35 -15.99 -10.03
N GLU A 42 3.28 -16.90 -10.32
CA GLU A 42 3.08 -18.30 -9.95
C GLU A 42 2.90 -18.45 -8.45
N LYS A 43 3.62 -17.65 -7.66
CA LYS A 43 3.51 -17.73 -6.21
C LYS A 43 2.17 -17.17 -5.74
N ALA A 44 1.68 -16.10 -6.39
CA ALA A 44 0.44 -15.48 -5.96
C ALA A 44 -0.76 -16.38 -6.20
N LEU A 45 -0.81 -17.04 -7.35
CA LEU A 45 -1.92 -17.93 -7.66
C LEU A 45 -1.83 -19.26 -6.93
N GLY A 46 -0.73 -19.54 -6.25
CA GLY A 46 -0.60 -20.71 -5.41
C GLY A 46 -0.82 -20.39 -3.95
N PRO A 47 0.26 -20.29 -3.16
CA PRO A 47 0.11 -20.02 -1.73
C PRO A 47 -0.37 -18.60 -1.44
N GLY A 48 -0.26 -17.67 -2.38
CA GLY A 48 -0.64 -16.30 -2.16
C GLY A 48 0.53 -15.43 -1.74
N ILE A 49 0.28 -14.13 -1.69
CA ILE A 49 1.28 -13.13 -1.34
C ILE A 49 0.92 -12.53 0.00
N HIS A 50 1.83 -12.62 0.97
CA HIS A 50 1.59 -12.08 2.30
C HIS A 50 1.85 -10.58 2.31
N PHE A 51 1.19 -9.89 3.24
CA PHE A 51 1.33 -8.45 3.36
C PHE A 51 0.88 -8.03 4.76
N ASP A 52 1.02 -6.74 5.04
CA ASP A 52 0.66 -6.15 6.33
C ASP A 52 -0.73 -5.53 6.23
N GLY A 53 -1.65 -6.00 7.05
CA GLY A 53 -3.01 -5.50 7.08
C GLY A 53 -3.30 -4.52 8.18
N SER A 54 -2.32 -4.18 9.02
CA SER A 54 -2.56 -3.24 10.11
C SER A 54 -2.75 -1.82 9.61
N SER A 55 -2.20 -1.49 8.44
CA SER A 55 -2.28 -0.14 7.89
C SER A 55 -3.39 0.04 6.88
N ILE A 56 -4.23 -0.97 6.70
CA ILE A 56 -5.42 -0.85 5.85
C ILE A 56 -6.59 -0.44 6.72
N GLU A 57 -7.44 0.45 6.20
CA GLU A 57 -8.52 1.00 6.99
C GLU A 57 -9.52 -0.09 7.37
N GLY A 58 -9.72 -0.28 8.67
CA GLY A 58 -10.73 -1.19 9.15
C GLY A 58 -10.43 -2.65 8.91
N PHE A 59 -9.15 -3.03 8.92
CA PHE A 59 -8.79 -4.44 8.75
C PHE A 59 -8.39 -5.05 10.09
N VAL A 60 -7.10 -5.19 10.36
CA VAL A 60 -6.62 -5.93 11.52
C VAL A 60 -5.77 -5.01 12.40
N ARG A 61 -5.53 -5.48 13.62
CA ARG A 61 -4.74 -4.75 14.59
C ARG A 61 -3.25 -4.95 14.33
N ILE A 62 -2.43 -4.25 15.12
CA ILE A 62 -0.99 -4.32 14.95
C ILE A 62 -0.45 -5.65 15.43
N GLU A 63 -1.10 -6.28 16.42
CA GLU A 63 -0.55 -7.49 17.02
C GLU A 63 -0.83 -8.75 16.22
N GLU A 64 -1.80 -8.71 15.28
CA GLU A 64 -2.12 -9.85 14.43
C GLU A 64 -2.40 -9.30 13.02
N SER A 65 -1.33 -8.91 12.32
CA SER A 65 -1.43 -8.13 11.11
C SER A 65 -1.09 -8.88 9.84
N ASP A 66 -0.53 -10.09 9.94
CA ASP A 66 -0.09 -10.81 8.76
C ASP A 66 -1.31 -11.38 8.02
N MET A 67 -1.49 -10.95 6.77
CA MET A 67 -2.58 -11.41 5.93
C MET A 67 -2.03 -11.99 4.64
N VAL A 68 -2.94 -12.55 3.82
CA VAL A 68 -2.58 -13.21 2.58
C VAL A 68 -3.55 -12.77 1.49
N LEU A 69 -3.02 -12.27 0.37
CA LEU A 69 -3.83 -11.97 -0.79
C LEU A 69 -4.08 -13.25 -1.57
N ARG A 70 -5.36 -13.53 -1.84
CA ARG A 70 -5.71 -14.74 -2.65
C ARG A 70 -6.43 -14.26 -3.91
N PRO A 71 -5.75 -14.19 -5.07
CA PRO A 71 -6.36 -13.64 -6.28
C PRO A 71 -7.48 -14.51 -6.83
N ASP A 72 -8.47 -13.85 -7.43
CA ASP A 72 -9.52 -14.53 -8.17
C ASP A 72 -9.10 -14.64 -9.62
N PRO A 73 -8.83 -15.85 -10.14
CA PRO A 73 -8.33 -15.93 -11.52
C PRO A 73 -9.29 -15.40 -12.57
N ASP A 74 -10.61 -15.43 -12.30
CA ASP A 74 -11.57 -14.92 -13.27
C ASP A 74 -11.40 -13.43 -13.54
N THR A 75 -10.78 -12.70 -12.61
CA THR A 75 -10.69 -11.26 -12.70
C THR A 75 -9.42 -10.77 -13.40
N PHE A 76 -8.69 -11.67 -14.05
CA PHE A 76 -7.44 -11.27 -14.69
C PHE A 76 -7.74 -10.47 -15.95
N ARG A 77 -7.24 -9.24 -16.02
CA ARG A 77 -7.35 -8.40 -17.20
C ARG A 77 -6.03 -7.70 -17.45
N VAL A 78 -5.74 -7.43 -18.71
CA VAL A 78 -4.56 -6.67 -19.10
C VAL A 78 -4.97 -5.20 -19.21
N LEU A 79 -4.23 -4.34 -18.51
CA LEU A 79 -4.54 -2.91 -18.54
C LEU A 79 -4.23 -2.35 -19.92
N PRO A 80 -5.22 -1.85 -20.67
CA PRO A 80 -4.96 -1.46 -22.07
C PRO A 80 -3.99 -0.31 -22.24
N TRP A 81 -3.67 0.45 -21.19
CA TRP A 81 -2.62 1.47 -21.30
C TRP A 81 -1.29 0.79 -20.99
N SER A 82 -0.57 0.39 -22.04
CA SER A 82 0.65 -0.39 -21.88
C SER A 82 1.84 0.53 -21.60
N GLY A 83 3.04 0.11 -22.02
CA GLY A 83 4.25 0.89 -21.81
C GLY A 83 5.29 0.66 -22.88
N THR A 87 6.07 -3.52 -22.20
CA THR A 87 5.92 -3.16 -20.76
C THR A 87 4.45 -3.17 -20.42
N ALA A 88 3.74 -4.22 -20.85
CA ALA A 88 2.30 -4.33 -20.56
C ALA A 88 2.10 -4.58 -19.07
N GLU A 89 0.92 -4.27 -18.57
CA GLU A 89 0.61 -4.49 -17.14
C GLU A 89 -0.76 -5.13 -17.01
N ALA A 90 -0.94 -5.95 -15.98
CA ALA A 90 -2.19 -6.63 -15.72
C ALA A 90 -2.60 -6.39 -14.28
N ARG A 91 -3.78 -6.91 -13.94
CA ARG A 91 -4.27 -6.77 -12.55
C ARG A 91 -5.13 -7.96 -12.19
N LEU A 92 -5.17 -8.25 -10.90
CA LEU A 92 -6.00 -9.30 -10.35
C LEU A 92 -6.73 -8.78 -9.13
N ILE A 93 -8.04 -8.97 -9.07
CA ILE A 93 -8.80 -8.66 -7.88
C ILE A 93 -8.67 -9.81 -6.90
N CYS A 94 -8.49 -9.50 -5.62
CA CYS A 94 -8.11 -10.49 -4.62
C CYS A 94 -9.09 -10.52 -3.46
N ASP A 95 -9.25 -11.70 -2.88
CA ASP A 95 -9.89 -11.88 -1.59
C ASP A 95 -8.81 -11.99 -0.52
N ILE A 96 -9.06 -11.35 0.62
CA ILE A 96 -8.08 -11.34 1.71
C ILE A 96 -8.36 -12.51 2.63
N GLU A 97 -7.33 -13.31 2.85
CA GLU A 97 -7.46 -14.46 3.77
C GLU A 97 -6.41 -14.31 4.87
N LEU A 98 -6.57 -15.06 5.95
CA LEU A 98 -5.63 -15.09 7.05
C LEU A 98 -4.54 -16.12 6.78
N PRO A 99 -3.45 -16.09 7.53
CA PRO A 99 -2.36 -17.04 7.26
C PRO A 99 -2.79 -18.50 7.36
N ASP A 100 -3.83 -18.81 8.12
CA ASP A 100 -4.30 -20.17 8.29
C ASP A 100 -5.28 -20.60 7.21
N GLY A 101 -5.44 -19.80 6.15
CA GLY A 101 -6.38 -20.11 5.10
C GLY A 101 -7.80 -19.65 5.36
N LYS A 102 -8.13 -19.29 6.60
CA LYS A 102 -9.47 -18.82 6.91
C LYS A 102 -9.75 -17.49 6.21
N PRO A 103 -10.93 -17.30 5.64
CA PRO A 103 -11.23 -16.01 5.02
C PRO A 103 -11.32 -14.90 6.07
N PHE A 104 -10.78 -13.74 5.71
CA PHE A 104 -10.87 -12.56 6.57
C PHE A 104 -12.27 -11.98 6.42
N MET A 105 -13.07 -12.06 7.48
CA MET A 105 -14.45 -11.60 7.44
C MET A 105 -14.58 -10.08 7.56
N GLY A 106 -13.46 -9.36 7.44
CA GLY A 106 -13.52 -7.91 7.34
C GLY A 106 -13.42 -7.46 5.89
N CYS A 107 -12.98 -8.35 5.01
CA CYS A 107 -12.83 -8.03 3.60
C CYS A 107 -14.20 -7.74 3.00
N PRO A 108 -14.44 -6.55 2.45
CA PRO A 108 -15.77 -6.28 1.88
C PRO A 108 -16.17 -7.25 0.79
N ARG A 109 -15.24 -7.65 -0.08
CA ARG A 109 -15.59 -8.57 -1.15
C ARG A 109 -16.03 -9.93 -0.60
N GLN A 110 -15.40 -10.37 0.49
CA GLN A 110 -15.83 -11.61 1.12
C GLN A 110 -17.21 -11.47 1.74
N VAL A 111 -17.54 -10.29 2.26
CA VAL A 111 -18.86 -10.08 2.85
C VAL A 111 -19.95 -10.31 1.80
N LEU A 112 -19.80 -9.66 0.65
CA LEU A 112 -20.76 -9.86 -0.43
C LEU A 112 -20.85 -11.34 -0.81
N LYS A 113 -19.70 -12.00 -0.95
CA LYS A 113 -19.71 -13.43 -1.24
C LYS A 113 -20.54 -14.20 -0.23
N LYS A 114 -20.39 -13.88 1.06
CA LYS A 114 -21.15 -14.60 2.10
C LYS A 114 -22.65 -14.41 1.88
N ASN A 115 -23.10 -13.16 1.74
CA ASN A 115 -24.52 -12.91 1.57
C ASN A 115 -25.05 -13.53 0.28
N MET A 116 -24.21 -13.61 -0.76
CA MET A 116 -24.65 -14.27 -1.99
C MET A 116 -24.77 -15.77 -1.78
N GLU A 117 -23.86 -16.37 -1.02
CA GLU A 117 -23.99 -17.78 -0.68
C GLU A 117 -25.27 -18.05 0.08
N GLU A 118 -25.65 -17.13 0.98
CA GLU A 118 -26.92 -17.28 1.69
C GLU A 118 -28.10 -17.14 0.72
N ALA A 119 -27.98 -16.25 -0.26
CA ALA A 119 -29.03 -16.14 -1.28
C ALA A 119 -29.09 -17.38 -2.14
N ALA A 120 -27.94 -18.00 -2.42
CA ALA A 120 -27.92 -19.25 -3.19
C ALA A 120 -28.58 -20.38 -2.43
N LYS A 121 -28.56 -20.33 -1.09
CA LYS A 121 -29.21 -21.36 -0.31
C LYS A 121 -30.69 -21.45 -0.64
N LEU A 122 -31.33 -20.31 -0.91
CA LEU A 122 -32.71 -20.26 -1.34
C LEU A 122 -32.86 -20.34 -2.85
N GLY A 123 -31.77 -20.48 -3.59
CA GLY A 123 -31.82 -20.52 -5.03
C GLY A 123 -31.85 -19.18 -5.71
N TYR A 124 -31.62 -18.09 -4.99
CA TYR A 124 -31.66 -16.76 -5.55
C TYR A 124 -30.27 -16.30 -5.98
N VAL A 125 -30.21 -15.61 -7.11
CA VAL A 125 -29.01 -14.92 -7.56
C VAL A 125 -29.38 -13.47 -7.82
N MET A 126 -28.66 -12.55 -7.20
CA MET A 126 -28.96 -11.13 -7.31
C MET A 126 -28.16 -10.52 -8.46
N ASN A 127 -28.83 -9.71 -9.27
CA ASN A 127 -28.23 -9.03 -10.40
C ASN A 127 -28.31 -7.52 -10.17
N THR A 128 -27.26 -6.79 -10.53
CA THR A 128 -27.24 -5.35 -10.35
C THR A 128 -26.61 -4.67 -11.55
N GLY A 129 -27.12 -3.47 -11.84
CA GLY A 129 -26.61 -2.64 -12.91
C GLY A 129 -26.72 -1.19 -12.52
N PRO A 130 -25.61 -0.57 -12.12
CA PRO A 130 -25.67 0.80 -11.61
C PRO A 130 -25.41 1.85 -12.68
N GLU A 131 -26.08 2.99 -12.50
CA GLU A 131 -25.86 4.18 -13.32
C GLU A 131 -24.84 5.05 -12.61
N MET A 132 -23.66 5.21 -13.20
CA MET A 132 -22.52 5.84 -12.54
C MET A 132 -22.41 7.29 -12.95
N GLU A 133 -22.81 8.19 -12.07
CA GLU A 133 -22.63 9.62 -12.27
C GLU A 133 -21.29 10.06 -11.67
N PHE A 134 -20.58 10.92 -12.40
CA PHE A 134 -19.29 11.41 -11.90
C PHE A 134 -18.99 12.78 -12.51
N PHE A 135 -18.01 13.46 -11.93
CA PHE A 135 -17.60 14.79 -12.34
C PHE A 135 -16.19 14.74 -12.93
N LEU A 136 -15.92 15.66 -13.86
CA LEU A 136 -14.59 15.84 -14.44
C LEU A 136 -14.13 17.25 -14.10
N PHE A 137 -13.07 17.34 -13.29
CA PHE A 137 -12.61 18.62 -12.76
C PHE A 137 -11.20 18.93 -13.25
N LYS A 138 -10.87 20.21 -13.23
CA LYS A 138 -9.56 20.67 -13.65
C LYS A 138 -8.53 20.44 -12.55
N ARG A 139 -7.27 20.33 -12.96
CA ARG A 139 -6.14 20.29 -12.05
C ARG A 139 -5.43 21.64 -12.05
N GLN A 140 -5.09 22.13 -10.86
CA GLN A 140 -4.39 23.39 -10.71
C GLN A 140 -3.15 23.14 -9.86
N ASP A 141 -1.97 23.37 -10.44
CA ASP A 141 -0.71 23.11 -9.76
C ASP A 141 -0.61 21.63 -9.35
N GLY A 142 -0.98 20.74 -10.27
CA GLY A 142 -0.93 19.32 -10.03
C GLY A 142 -1.94 18.79 -9.04
N MET A 143 -2.63 19.66 -8.30
CA MET A 143 -3.61 19.24 -7.31
C MET A 143 -5.02 19.27 -7.90
N PRO A 144 -5.90 18.35 -7.53
CA PRO A 144 -7.27 18.39 -8.05
C PRO A 144 -8.06 19.56 -7.48
N THR A 145 -9.06 19.98 -8.24
CA THR A 145 -9.96 21.07 -7.86
C THR A 145 -11.40 20.63 -8.06
N ASN A 146 -12.34 21.54 -7.80
CA ASN A 146 -13.74 21.30 -8.09
C ASN A 146 -14.26 22.27 -9.15
N ILE A 147 -13.40 22.61 -10.10
CA ILE A 147 -13.76 23.48 -11.22
C ILE A 147 -14.23 22.59 -12.36
N PRO A 148 -15.46 22.75 -12.85
CA PRO A 148 -15.93 21.87 -13.94
C PRO A 148 -15.12 22.07 -15.21
N GLN A 149 -14.81 20.95 -15.87
CA GLN A 149 -14.05 21.00 -17.11
C GLN A 149 -14.82 21.70 -18.22
N ASP A 150 -16.14 21.71 -18.14
CA ASP A 150 -16.99 22.47 -19.05
C ASP A 150 -18.19 22.99 -18.28
N ARG A 151 -18.98 23.84 -18.94
CA ARG A 151 -20.18 24.42 -18.35
C ARG A 151 -21.43 23.94 -19.10
N GLY A 152 -21.45 22.66 -19.47
CA GLY A 152 -22.56 22.08 -20.20
C GLY A 152 -23.59 21.44 -19.30
N GLY A 153 -24.58 20.82 -19.94
CA GLY A 153 -25.69 20.22 -19.22
C GLY A 153 -26.11 18.87 -19.74
N TYR A 154 -27.35 18.49 -19.44
CA TYR A 154 -27.84 17.15 -19.74
C TYR A 154 -27.83 16.90 -21.24
N PHE A 155 -27.27 15.76 -21.64
CA PHE A 155 -27.25 15.30 -23.03
C PHE A 155 -26.65 16.32 -23.97
N ASP A 156 -25.80 17.21 -23.48
CA ASP A 156 -25.24 18.26 -24.33
C ASP A 156 -24.17 17.71 -25.26
N LEU A 157 -24.02 18.37 -26.40
CA LEU A 157 -23.12 17.95 -27.47
C LEU A 157 -22.01 19.00 -27.61
N ALA A 158 -20.86 18.56 -28.10
CA ALA A 158 -19.75 19.49 -28.32
C ALA A 158 -20.22 20.63 -29.23
N PRO A 159 -19.65 21.84 -29.09
CA PRO A 159 -18.56 22.22 -28.18
C PRO A 159 -18.97 22.47 -26.74
N ILE A 160 -20.27 22.42 -26.45
CA ILE A 160 -20.72 22.61 -25.07
C ILE A 160 -20.14 21.52 -24.18
N ASP A 161 -20.11 20.28 -24.68
CA ASP A 161 -19.52 19.15 -23.97
C ASP A 161 -18.06 19.03 -24.36
N LEU A 162 -17.16 19.35 -23.43
CA LEU A 162 -15.72 19.38 -23.70
C LEU A 162 -15.03 18.08 -23.29
N ALA A 163 -15.79 17.03 -22.97
CA ALA A 163 -15.21 15.78 -22.49
C ALA A 163 -15.55 14.60 -23.40
N GLU A 164 -15.86 14.87 -24.68
CA GLU A 164 -16.17 13.77 -25.59
C GLU A 164 -14.96 12.89 -25.82
N GLU A 165 -13.78 13.48 -26.00
CA GLU A 165 -12.61 12.67 -26.33
C GLU A 165 -12.19 11.77 -25.18
N ILE A 166 -12.38 12.22 -23.94
CA ILE A 166 -11.96 11.40 -22.81
C ILE A 166 -13.00 10.33 -22.49
N LYS A 167 -14.28 10.63 -22.67
CA LYS A 167 -15.30 9.59 -22.51
C LYS A 167 -15.13 8.51 -23.57
N ARG A 168 -14.80 8.90 -24.79
CA ARG A 168 -14.53 7.92 -25.83
C ARG A 168 -13.38 7.00 -25.43
N GLU A 169 -12.37 7.56 -24.75
CA GLU A 169 -11.24 6.73 -24.33
C GLU A 169 -11.63 5.78 -23.21
N ILE A 170 -12.43 6.26 -22.24
CA ILE A 170 -12.82 5.42 -21.12
C ILE A 170 -13.64 4.23 -21.61
N VAL A 171 -14.63 4.49 -22.46
CA VAL A 171 -15.49 3.42 -22.94
C VAL A 171 -14.68 2.40 -23.73
N LEU A 172 -13.75 2.88 -24.57
CA LEU A 172 -12.89 1.97 -25.31
C LEU A 172 -12.11 1.06 -24.36
N VAL A 173 -11.49 1.66 -23.34
CA VAL A 173 -10.74 0.87 -22.36
C VAL A 173 -11.66 -0.12 -21.67
N LEU A 174 -12.86 0.33 -21.27
CA LEU A 174 -13.79 -0.56 -20.58
C LEU A 174 -14.17 -1.74 -21.47
N GLU A 175 -14.55 -1.46 -22.72
CA GLU A 175 -14.89 -2.55 -23.64
C GLU A 175 -13.72 -3.49 -23.82
N GLU A 176 -12.50 -2.95 -23.88
CA GLU A 176 -11.32 -3.80 -23.98
C GLU A 176 -11.15 -4.66 -22.73
N MET A 177 -11.62 -4.17 -21.59
CA MET A 177 -11.57 -4.92 -20.34
C MET A 177 -12.76 -5.86 -20.16
N GLY A 178 -13.58 -6.03 -21.19
CA GLY A 178 -14.70 -6.94 -21.13
C GLY A 178 -16.04 -6.32 -20.78
N PHE A 179 -16.07 -5.03 -20.46
CA PHE A 179 -17.33 -4.37 -20.15
C PHE A 179 -18.25 -4.40 -21.36
N GLU A 180 -19.56 -4.49 -21.11
CA GLU A 180 -20.58 -4.28 -22.12
C GLU A 180 -21.19 -2.91 -21.83
N VAL A 181 -20.59 -1.86 -22.39
CA VAL A 181 -21.08 -0.51 -22.16
C VAL A 181 -22.36 -0.28 -22.95
N GLU A 182 -23.32 0.37 -22.32
CA GLU A 182 -24.64 0.59 -22.90
C GLU A 182 -24.83 2.01 -23.43
N ALA A 183 -24.32 3.01 -22.72
CA ALA A 183 -24.45 4.39 -23.15
C ALA A 183 -23.59 5.28 -22.27
N ALA A 184 -23.22 6.44 -22.81
CA ALA A 184 -22.51 7.47 -22.07
C ALA A 184 -23.02 8.82 -22.53
N HIS A 185 -23.08 9.77 -21.60
CA HIS A 185 -23.68 11.06 -21.90
C HIS A 185 -23.27 12.09 -20.85
N HIS A 186 -23.38 13.36 -21.25
CA HIS A 186 -23.21 14.46 -20.31
C HIS A 186 -24.43 14.56 -19.41
N GLU A 187 -24.21 14.75 -18.12
CA GLU A 187 -25.28 14.78 -17.14
C GLU A 187 -25.71 16.23 -16.88
N VAL A 188 -26.55 16.40 -15.86
CA VAL A 188 -27.20 17.70 -15.65
C VAL A 188 -26.19 18.77 -15.29
N ALA A 189 -25.33 18.49 -14.30
CA ALA A 189 -24.46 19.52 -13.73
C ALA A 189 -23.28 19.82 -14.66
N PHE A 190 -22.58 20.90 -14.34
CA PHE A 190 -21.40 21.29 -15.09
C PHE A 190 -20.32 20.23 -14.97
N GLY A 191 -19.77 19.81 -16.11
CA GLY A 191 -18.71 18.82 -16.10
C GLY A 191 -19.08 17.47 -15.53
N GLN A 192 -20.38 17.21 -15.39
CA GLN A 192 -20.86 15.93 -14.88
C GLN A 192 -21.20 15.01 -16.04
N HIS A 193 -20.97 13.72 -15.84
CA HIS A 193 -21.18 12.72 -16.88
C HIS A 193 -21.66 11.43 -16.25
N GLU A 194 -22.13 10.52 -17.10
CA GLU A 194 -22.63 9.23 -16.65
C GLU A 194 -22.29 8.16 -17.69
N ILE A 195 -21.76 7.03 -17.22
CA ILE A 195 -21.51 5.86 -18.06
C ILE A 195 -22.29 4.70 -17.47
N ASP A 196 -23.05 4.02 -18.31
CA ASP A 196 -23.87 2.89 -17.91
C ASP A 196 -23.35 1.63 -18.60
N PHE A 197 -23.20 0.55 -17.85
CA PHE A 197 -22.80 -0.73 -18.40
C PHE A 197 -23.84 -1.79 -18.03
N LYS A 198 -23.81 -2.88 -18.80
CA LYS A 198 -24.82 -3.92 -18.65
C LYS A 198 -24.75 -4.55 -17.26
N TYR A 199 -25.89 -5.05 -16.80
CA TYR A 199 -26.00 -5.67 -15.50
C TYR A 199 -25.22 -6.99 -15.45
N ASP A 200 -25.06 -7.50 -14.24
CA ASP A 200 -24.40 -8.78 -13.98
C ASP A 200 -24.72 -9.15 -12.53
N ASN A 201 -24.18 -10.27 -12.07
CA ASN A 201 -24.36 -10.63 -10.67
C ASN A 201 -23.66 -9.60 -9.79
N ALA A 202 -24.07 -9.57 -8.51
CA ALA A 202 -23.61 -8.52 -7.62
C ALA A 202 -22.09 -8.50 -7.51
N LEU A 203 -21.47 -9.68 -7.41
CA LEU A 203 -20.02 -9.73 -7.27
C LEU A 203 -19.35 -9.21 -8.53
N ALA A 204 -19.79 -9.69 -9.70
CA ALA A 204 -19.24 -9.19 -10.96
C ALA A 204 -19.44 -7.69 -11.08
N THR A 205 -20.66 -7.21 -10.81
CA THR A 205 -20.95 -5.79 -10.98
C THR A 205 -20.12 -4.94 -10.03
N ALA A 206 -19.91 -5.41 -8.80
CA ALA A 206 -19.09 -4.65 -7.85
C ALA A 206 -17.65 -4.55 -8.35
N ASP A 207 -17.10 -5.64 -8.87
CA ASP A 207 -15.78 -5.58 -9.48
C ASP A 207 -15.77 -4.58 -10.64
N ASN A 208 -16.84 -4.56 -11.43
CA ASN A 208 -16.95 -3.59 -12.52
C ASN A 208 -16.97 -2.17 -11.98
N VAL A 209 -17.66 -1.95 -10.86
CA VAL A 209 -17.76 -0.61 -10.29
C VAL A 209 -16.38 -0.12 -9.87
N ILE A 210 -15.63 -0.96 -9.15
CA ILE A 210 -14.29 -0.58 -8.73
C ILE A 210 -13.39 -0.36 -9.94
N THR A 211 -13.58 -1.16 -10.99
CA THR A 211 -12.78 -1.02 -12.20
C THR A 211 -13.11 0.27 -12.94
N LEU A 212 -14.41 0.60 -13.04
CA LEU A 212 -14.80 1.81 -13.75
C LEU A 212 -14.18 3.05 -13.10
N LYS A 213 -14.24 3.13 -11.77
CA LYS A 213 -13.64 4.26 -11.09
C LYS A 213 -12.14 4.29 -11.31
N TYR A 214 -11.51 3.12 -11.34
CA TYR A 214 -10.06 3.07 -11.60
C TYR A 214 -9.75 3.55 -13.00
N VAL A 215 -10.50 3.08 -14.01
CA VAL A 215 -10.24 3.48 -15.38
C VAL A 215 -10.56 4.96 -15.57
N ALA A 216 -11.68 5.42 -15.02
CA ALA A 216 -12.06 6.82 -15.18
C ALA A 216 -11.04 7.74 -14.52
N LYS A 217 -10.63 7.43 -13.29
CA LYS A 217 -9.69 8.29 -12.58
C LYS A 217 -8.31 8.27 -13.21
N THR A 218 -7.88 7.13 -13.74
CA THR A 218 -6.55 7.04 -14.35
C THR A 218 -6.48 7.85 -15.64
N LEU A 219 -7.44 7.64 -16.55
CA LEU A 219 -7.42 8.38 -17.81
C LEU A 219 -7.64 9.87 -17.59
N ALA A 220 -8.47 10.24 -16.61
CA ALA A 220 -8.64 11.64 -16.28
C ALA A 220 -7.31 12.27 -15.89
N LEU A 221 -6.48 11.54 -15.15
CA LEU A 221 -5.17 12.05 -14.77
C LEU A 221 -4.27 12.21 -15.98
N GLN A 222 -4.35 11.27 -16.93
CA GLN A 222 -3.51 11.37 -18.12
C GLN A 222 -3.87 12.59 -18.95
N HIS A 223 -5.13 13.03 -18.92
CA HIS A 223 -5.55 14.23 -19.61
C HIS A 223 -5.42 15.49 -18.76
N GLY A 224 -4.80 15.39 -17.59
CA GLY A 224 -4.62 16.55 -16.73
C GLY A 224 -5.85 16.95 -15.95
N LEU A 225 -6.81 16.04 -15.78
CA LEU A 225 -8.07 16.30 -15.11
C LEU A 225 -8.15 15.45 -13.84
N HIS A 226 -9.28 15.57 -13.13
CA HIS A 226 -9.54 14.78 -11.95
C HIS A 226 -10.97 14.29 -12.01
N ALA A 227 -11.16 12.99 -12.22
CA ALA A 227 -12.48 12.38 -12.12
C ALA A 227 -12.76 12.06 -10.67
N THR A 228 -13.92 12.49 -10.18
CA THR A 228 -14.33 12.24 -8.80
C THR A 228 -15.73 11.69 -8.77
N PHE A 229 -15.93 10.68 -7.92
CA PHE A 229 -17.23 10.09 -7.66
C PHE A 229 -17.80 10.57 -6.33
N MET A 230 -17.42 11.79 -5.94
CA MET A 230 -17.94 12.42 -4.74
C MET A 230 -19.40 12.80 -4.95
N PRO A 231 -20.26 12.67 -3.91
CA PRO A 231 -21.70 12.83 -4.14
C PRO A 231 -22.12 14.25 -4.50
N LYS A 232 -21.61 15.24 -3.79
CA LYS A 232 -22.03 16.64 -3.95
C LYS A 232 -20.82 17.54 -3.84
N PRO A 233 -19.99 17.59 -4.90
CA PRO A 233 -18.76 18.38 -4.82
C PRO A 233 -18.95 19.86 -5.08
N ILE A 234 -20.06 20.28 -5.68
CA ILE A 234 -20.33 21.68 -5.99
C ILE A 234 -21.70 22.04 -5.46
N PHE A 235 -21.78 23.09 -4.67
CA PHE A 235 -23.06 23.56 -4.16
C PHE A 235 -23.82 24.30 -5.24
N GLY A 236 -25.12 24.03 -5.34
CA GLY A 236 -25.96 24.72 -6.29
C GLY A 236 -26.15 24.00 -7.61
N VAL A 237 -25.46 22.89 -7.85
CA VAL A 237 -25.66 22.07 -9.03
C VAL A 237 -26.04 20.67 -8.59
N ASN A 238 -26.46 19.87 -9.56
CA ASN A 238 -26.86 18.49 -9.25
C ASN A 238 -25.75 17.75 -8.53
N GLY A 239 -26.12 16.63 -7.92
CA GLY A 239 -25.15 15.76 -7.28
C GLY A 239 -24.99 14.46 -8.02
N SER A 240 -23.90 13.73 -7.76
CA SER A 240 -23.69 12.44 -8.39
C SER A 240 -24.49 11.36 -7.65
N GLY A 241 -25.22 10.55 -8.40
CA GLY A 241 -26.03 9.50 -7.80
C GLY A 241 -25.83 8.19 -8.51
N MET A 242 -25.73 7.12 -7.71
CA MET A 242 -25.53 5.77 -8.24
C MET A 242 -26.86 5.03 -8.18
N HIS A 243 -27.75 5.34 -9.11
CA HIS A 243 -29.01 4.60 -9.21
C HIS A 243 -28.57 3.15 -9.32
N THR A 244 -29.21 2.24 -8.63
CA THR A 244 -28.88 0.83 -8.60
C THR A 244 -30.10 0.01 -9.01
N ASN A 245 -30.05 -0.57 -10.20
CA ASN A 245 -31.08 -1.49 -10.66
C ASN A 245 -30.81 -2.87 -10.08
N THR A 246 -31.84 -3.52 -9.56
CA THR A 246 -31.68 -4.80 -8.89
C THR A 246 -32.81 -5.76 -9.28
N SER A 247 -32.46 -7.04 -9.41
CA SER A 247 -33.43 -8.08 -9.70
C SER A 247 -32.92 -9.40 -9.12
N LEU A 248 -33.85 -10.29 -8.81
CA LEU A 248 -33.54 -11.61 -8.29
C LEU A 248 -33.86 -12.68 -9.33
N PHE A 249 -33.00 -13.69 -9.42
CA PHE A 249 -33.17 -14.80 -10.35
C PHE A 249 -33.20 -16.11 -9.58
N LYS A 250 -34.16 -16.97 -9.93
CA LYS A 250 -34.31 -18.27 -9.29
C LYS A 250 -34.72 -19.27 -10.36
N ASP A 251 -34.00 -20.39 -10.43
CA ASP A 251 -34.25 -21.42 -11.43
C ASP A 251 -34.10 -20.88 -12.84
N GLY A 252 -33.20 -19.91 -13.02
CA GLY A 252 -32.90 -19.36 -14.32
C GLY A 252 -33.82 -18.25 -14.79
N LYS A 253 -34.98 -18.08 -14.16
CA LYS A 253 -35.95 -17.07 -14.56
C LYS A 253 -35.96 -15.91 -13.58
N ASN A 254 -36.50 -14.79 -14.03
CA ASN A 254 -36.56 -13.57 -13.23
C ASN A 254 -37.62 -13.73 -12.15
N ALA A 255 -37.18 -13.78 -10.88
CA ALA A 255 -38.11 -14.02 -9.78
C ALA A 255 -39.05 -12.84 -9.55
N PHE A 256 -38.74 -11.67 -10.09
CA PHE A 256 -39.60 -10.50 -9.92
C PHE A 256 -40.74 -10.44 -10.92
N TYR A 257 -40.76 -11.31 -11.92
CA TYR A 257 -41.75 -11.28 -12.98
C TYR A 257 -42.81 -12.34 -12.74
N ASP A 258 -44.08 -11.96 -12.90
CA ASP A 258 -45.21 -12.88 -12.74
C ASP A 258 -46.31 -12.41 -13.68
N PRO A 259 -46.40 -13.00 -14.89
CA PRO A 259 -47.40 -12.50 -15.85
C PRO A 259 -48.84 -12.57 -15.34
N ASP A 260 -49.16 -13.51 -14.46
CA ASP A 260 -50.51 -13.66 -13.95
C ASP A 260 -50.86 -12.64 -12.87
N ALA A 261 -49.93 -11.77 -12.49
CA ALA A 261 -50.14 -10.84 -11.39
C ALA A 261 -50.48 -9.45 -11.92
N PRO A 262 -51.04 -8.59 -11.07
CA PRO A 262 -51.28 -7.20 -11.49
C PRO A 262 -49.97 -6.47 -11.77
N ASP A 263 -49.94 -5.74 -12.87
CA ASP A 263 -48.74 -5.07 -13.37
C ASP A 263 -47.60 -6.05 -13.64
N GLN A 264 -47.89 -7.35 -13.67
CA GLN A 264 -46.89 -8.37 -13.95
C GLN A 264 -45.73 -8.28 -12.96
N ILE A 265 -46.06 -8.03 -11.70
CA ILE A 265 -45.08 -7.91 -10.62
C ILE A 265 -45.36 -9.03 -9.62
N SER A 266 -44.36 -9.89 -9.41
CA SER A 266 -44.54 -11.03 -8.52
C SER A 266 -44.55 -10.59 -7.06
N ASP A 267 -45.08 -11.46 -6.21
CA ASP A 267 -45.06 -11.19 -4.77
C ASP A 267 -43.62 -11.12 -4.25
N THR A 268 -42.72 -11.90 -4.84
CA THR A 268 -41.31 -11.84 -4.46
C THR A 268 -40.77 -10.42 -4.65
N LEU A 269 -41.20 -9.75 -5.72
CA LEU A 269 -40.80 -8.36 -5.95
C LEU A 269 -41.30 -7.46 -4.81
N ARG A 270 -42.60 -7.49 -4.54
CA ARG A 270 -43.16 -6.62 -3.51
C ARG A 270 -42.55 -6.91 -2.15
N TYR A 271 -42.40 -8.19 -1.81
CA TYR A 271 -41.79 -8.54 -0.53
C TYR A 271 -40.34 -8.05 -0.47
N PHE A 272 -39.60 -8.19 -1.57
CA PHE A 272 -38.25 -7.67 -1.60
C PHE A 272 -38.22 -6.17 -1.35
N VAL A 273 -39.16 -5.44 -1.98
CA VAL A 273 -39.22 -4.00 -1.78
C VAL A 273 -39.61 -3.68 -0.33
N GLY A 274 -40.57 -4.43 0.22
CA GLY A 274 -40.97 -4.19 1.59
C GLY A 274 -39.81 -4.30 2.57
N GLY A 275 -38.90 -5.24 2.33
CA GLY A 275 -37.76 -5.40 3.21
C GLY A 275 -36.72 -4.31 3.02
N VAL A 276 -36.50 -3.89 1.77
CA VAL A 276 -35.54 -2.83 1.51
C VAL A 276 -36.00 -1.53 2.15
N LEU A 277 -37.28 -1.18 1.98
CA LEU A 277 -37.80 0.03 2.59
C LEU A 277 -37.77 -0.06 4.12
N LYS A 278 -37.96 -1.26 4.67
CA LYS A 278 -37.94 -1.43 6.11
C LYS A 278 -36.59 -1.01 6.70
N HIS A 279 -35.49 -1.35 6.03
CA HIS A 279 -34.15 -1.09 6.52
C HIS A 279 -33.47 0.06 5.81
N ILE A 280 -34.19 0.82 4.98
CA ILE A 280 -33.54 1.82 4.15
C ILE A 280 -32.88 2.90 4.99
N ARG A 281 -33.44 3.20 6.17
CA ARG A 281 -32.83 4.22 7.01
C ARG A 281 -31.44 3.78 7.47
N ALA A 282 -31.26 2.48 7.73
CA ALA A 282 -29.96 1.96 8.15
C ALA A 282 -29.06 1.65 6.96
N ILE A 283 -29.62 1.24 5.83
CA ILE A 283 -28.82 0.99 4.64
C ILE A 283 -28.13 2.27 4.19
N THR A 284 -28.75 3.43 4.43
CA THR A 284 -28.22 4.68 3.92
C THR A 284 -26.83 4.97 4.46
N ALA A 285 -26.50 4.45 5.65
CA ALA A 285 -25.15 4.61 6.18
C ALA A 285 -24.12 3.92 5.31
N ILE A 286 -24.52 2.87 4.59
CA ILE A 286 -23.63 2.16 3.69
C ILE A 286 -23.65 2.78 2.30
N THR A 287 -24.84 2.96 1.75
CA THR A 287 -24.98 3.47 0.38
C THR A 287 -24.64 4.95 0.27
N ASN A 288 -24.65 5.67 1.39
CA ASN A 288 -24.33 7.11 1.42
C ASN A 288 -23.41 7.34 2.62
N PRO A 289 -22.14 6.93 2.52
CA PRO A 289 -21.29 6.83 3.71
C PRO A 289 -20.55 8.10 4.12
N LEU A 290 -20.54 9.14 3.29
CA LEU A 290 -19.77 10.34 3.58
C LEU A 290 -20.65 11.43 4.18
N VAL A 291 -20.02 12.32 4.96
CA VAL A 291 -20.71 13.53 5.39
C VAL A 291 -21.29 14.25 4.18
N ASN A 292 -20.49 14.35 3.11
CA ASN A 292 -20.92 15.04 1.90
C ASN A 292 -22.10 14.35 1.21
N SER A 293 -22.35 13.08 1.53
CA SER A 293 -23.46 12.38 0.90
C SER A 293 -24.80 13.05 1.21
N TYR A 294 -24.89 13.72 2.36
CA TYR A 294 -26.13 14.30 2.84
C TYR A 294 -26.29 15.76 2.46
N LYS A 295 -25.38 16.29 1.64
CA LYS A 295 -25.60 17.54 0.95
C LYS A 295 -26.26 17.33 -0.41
N ARG A 296 -26.36 16.09 -0.87
CA ARG A 296 -27.22 15.69 -1.98
C ARG A 296 -28.56 15.15 -1.50
N LEU A 297 -28.55 14.35 -0.42
CA LEU A 297 -29.77 13.81 0.17
C LEU A 297 -30.31 14.80 1.21
N VAL A 298 -30.74 15.94 0.71
CA VAL A 298 -31.21 17.04 1.54
C VAL A 298 -32.74 16.98 1.59
N PRO A 299 -33.35 16.90 2.77
CA PRO A 299 -34.81 16.93 2.83
C PRO A 299 -35.39 18.23 2.28
N GLY A 300 -36.47 18.10 1.52
CA GLY A 300 -37.18 19.24 0.99
C GLY A 300 -36.71 19.73 -0.36
N TYR A 301 -35.86 18.96 -1.06
CA TYR A 301 -35.37 19.32 -2.38
C TYR A 301 -35.53 18.14 -3.33
N GLU A 302 -35.30 18.39 -4.61
CA GLU A 302 -35.40 17.36 -5.65
C GLU A 302 -34.28 16.35 -5.45
N ALA A 303 -34.54 15.39 -4.54
CA ALA A 303 -33.57 14.36 -4.24
C ALA A 303 -34.29 13.17 -3.64
N PRO A 304 -33.87 11.94 -3.93
CA PRO A 304 -34.61 10.77 -3.41
C PRO A 304 -34.45 10.60 -1.92
N VAL A 305 -35.12 11.47 -1.16
CA VAL A 305 -35.00 11.50 0.30
C VAL A 305 -36.24 10.87 0.93
N TYR A 306 -37.36 10.89 0.21
CA TYR A 306 -38.64 10.46 0.74
C TYR A 306 -38.81 8.97 0.51
N ILE A 307 -39.04 8.23 1.60
CA ILE A 307 -39.10 6.77 1.56
C ILE A 307 -40.41 6.32 0.93
N THR A 308 -40.38 6.04 -0.37
CA THR A 308 -41.55 5.57 -1.09
C THR A 308 -41.10 4.64 -2.21
N TRP A 309 -42.04 3.86 -2.73
CA TRP A 309 -41.83 3.07 -3.93
C TRP A 309 -43.01 3.28 -4.86
N SER A 310 -42.75 3.20 -6.16
CA SER A 310 -43.74 3.56 -7.17
C SER A 310 -43.42 2.82 -8.46
N GLY A 311 -44.06 3.24 -9.55
CA GLY A 311 -43.78 2.73 -10.86
C GLY A 311 -42.64 3.49 -11.51
N PRO A 312 -42.79 3.86 -12.80
CA PRO A 312 -41.72 4.61 -13.47
C PRO A 312 -41.62 6.06 -13.02
N ASN A 313 -42.28 6.42 -11.93
CA ASN A 313 -42.17 7.75 -11.36
C ASN A 313 -40.74 7.96 -10.84
N ARG A 314 -40.02 8.91 -11.47
CA ARG A 314 -38.59 9.19 -11.17
C ARG A 314 -38.39 10.07 -9.93
N SER A 315 -39.40 10.18 -9.06
CA SER A 315 -39.26 10.96 -7.83
C SER A 315 -39.30 10.11 -6.58
N SER A 316 -39.58 8.82 -6.69
CA SER A 316 -39.64 7.92 -5.55
C SER A 316 -38.25 7.35 -5.24
N LEU A 317 -38.12 6.78 -4.06
CA LEU A 317 -36.85 6.16 -3.67
C LEU A 317 -36.61 4.88 -4.45
N ILE A 318 -37.65 4.06 -4.63
CA ILE A 318 -37.56 2.82 -5.39
C ILE A 318 -38.46 2.94 -6.60
N ARG A 319 -37.89 2.73 -7.78
CA ARG A 319 -38.57 2.84 -9.06
C ARG A 319 -38.66 1.47 -9.70
N VAL A 320 -39.82 1.14 -10.24
CA VAL A 320 -40.00 -0.12 -10.96
C VAL A 320 -40.15 0.21 -12.44
N PRO A 321 -39.08 0.20 -13.23
CA PRO A 321 -39.19 0.60 -14.63
C PRO A 321 -40.14 -0.32 -15.40
N ALA A 322 -40.41 0.07 -16.64
CA ALA A 322 -41.40 -0.57 -17.50
C ALA A 322 -41.02 -1.99 -17.88
N PRO A 323 -39.77 -2.26 -18.26
CA PRO A 323 -39.44 -3.60 -18.79
C PRO A 323 -39.84 -4.71 -17.84
N ARG A 324 -40.43 -5.77 -18.42
CA ARG A 324 -40.79 -6.97 -17.67
C ARG A 324 -40.02 -8.17 -18.22
N GLY A 325 -40.48 -9.38 -17.91
CA GLY A 325 -39.75 -10.56 -18.36
C GLY A 325 -38.43 -10.70 -17.63
N ASN A 326 -37.39 -11.07 -18.38
CA ASN A 326 -36.06 -11.18 -17.81
C ASN A 326 -35.39 -9.82 -17.60
N SER A 327 -36.13 -8.73 -17.79
CA SER A 327 -35.65 -7.38 -17.54
C SER A 327 -36.41 -6.69 -16.41
N THR A 328 -37.30 -7.41 -15.72
CA THR A 328 -37.98 -6.84 -14.57
C THR A 328 -36.97 -6.47 -13.48
N ARG A 329 -37.09 -5.26 -12.96
CA ARG A 329 -36.12 -4.78 -11.98
C ARG A 329 -36.73 -3.66 -11.16
N ILE A 330 -36.06 -3.34 -10.05
CA ILE A 330 -36.32 -2.14 -9.27
C ILE A 330 -35.07 -1.28 -9.29
N GLU A 331 -35.27 0.04 -9.24
CA GLU A 331 -34.19 1.01 -9.28
C GLU A 331 -34.18 1.76 -7.96
N ILE A 332 -33.11 1.57 -7.19
CA ILE A 332 -32.91 2.25 -5.91
C ILE A 332 -32.05 3.48 -6.16
N ARG A 333 -32.61 4.66 -5.91
CA ARG A 333 -32.03 5.92 -6.35
C ARG A 333 -31.34 6.70 -5.25
N SER A 334 -31.34 6.18 -4.02
CA SER A 334 -30.78 6.90 -2.88
C SER A 334 -29.25 6.82 -2.82
N PRO A 335 -28.62 5.74 -3.25
CA PRO A 335 -27.15 5.65 -3.15
C PRO A 335 -26.45 6.67 -4.03
N ASP A 336 -25.17 6.89 -3.73
CA ASP A 336 -24.29 7.73 -4.51
C ASP A 336 -22.97 7.00 -4.77
N PRO A 337 -22.22 7.43 -5.78
CA PRO A 337 -21.07 6.63 -6.24
C PRO A 337 -19.97 6.41 -5.22
N SER A 338 -19.95 7.13 -4.10
CA SER A 338 -18.85 7.00 -3.16
C SER A 338 -18.96 5.77 -2.27
N CYS A 339 -20.09 5.07 -2.30
CA CYS A 339 -20.26 3.91 -1.43
C CYS A 339 -19.38 2.75 -1.89
N ASN A 340 -19.11 1.84 -0.96
CA ASN A 340 -18.42 0.60 -1.26
C ASN A 340 -19.40 -0.35 -1.95
N PRO A 341 -19.23 -0.63 -3.24
CA PRO A 341 -20.24 -1.44 -3.94
C PRO A 341 -20.43 -2.82 -3.33
N TYR A 342 -19.36 -3.44 -2.83
CA TYR A 342 -19.50 -4.75 -2.20
C TYR A 342 -20.41 -4.67 -0.98
N LEU A 343 -20.19 -3.67 -0.12
CA LEU A 343 -20.99 -3.54 1.08
C LEU A 343 -22.41 -3.07 0.77
N ALA A 344 -22.55 -2.17 -0.21
CA ALA A 344 -23.87 -1.67 -0.56
C ALA A 344 -24.76 -2.78 -1.12
N PHE A 345 -24.23 -3.58 -2.05
CA PHE A 345 -25.01 -4.67 -2.61
C PHE A 345 -25.35 -5.71 -1.54
N ALA A 346 -24.42 -5.96 -0.62
CA ALA A 346 -24.69 -6.93 0.45
C ALA A 346 -25.80 -6.45 1.37
N ALA A 347 -25.76 -5.17 1.75
CA ALA A 347 -26.79 -4.63 2.63
C ALA A 347 -28.16 -4.64 1.97
N ILE A 348 -28.21 -4.36 0.67
CA ILE A 348 -29.48 -4.39 -0.05
C ILE A 348 -29.97 -5.83 -0.16
N LEU A 349 -29.08 -6.77 -0.45
CA LEU A 349 -29.48 -8.17 -0.60
C LEU A 349 -30.06 -8.71 0.70
N ALA A 350 -29.36 -8.50 1.81
CA ALA A 350 -29.82 -9.02 3.10
C ALA A 350 -31.18 -8.43 3.47
N ALA A 351 -31.37 -7.13 3.24
CA ALA A 351 -32.63 -6.49 3.60
C ALA A 351 -33.77 -6.98 2.70
N GLY A 352 -33.51 -7.12 1.40
CA GLY A 352 -34.55 -7.60 0.50
C GLY A 352 -34.92 -9.04 0.78
N LEU A 353 -33.94 -9.88 1.10
CA LEU A 353 -34.23 -11.26 1.43
C LEU A 353 -35.00 -11.37 2.73
N ASP A 354 -34.75 -10.46 3.68
CA ASP A 354 -35.57 -10.40 4.89
C ASP A 354 -37.02 -10.12 4.54
N GLY A 355 -37.25 -9.29 3.51
CA GLY A 355 -38.62 -9.04 3.07
C GLY A 355 -39.26 -10.27 2.46
N VAL A 356 -38.52 -10.96 1.59
CA VAL A 356 -39.04 -12.19 0.99
C VAL A 356 -39.21 -13.27 2.04
N LYS A 357 -38.22 -13.41 2.93
CA LYS A 357 -38.24 -14.48 3.91
C LYS A 357 -39.45 -14.39 4.82
N ASN A 358 -39.80 -13.17 5.27
CA ASN A 358 -40.88 -12.97 6.21
C ASN A 358 -42.14 -12.40 5.56
N LYS A 359 -42.16 -12.29 4.24
CA LYS A 359 -43.32 -11.77 3.51
C LYS A 359 -43.77 -10.43 4.10
N ILE A 360 -42.89 -9.44 3.93
CA ILE A 360 -43.12 -8.09 4.46
C ILE A 360 -43.82 -7.27 3.39
N GLU A 361 -45.09 -6.93 3.64
CA GLU A 361 -45.86 -6.19 2.65
C GLU A 361 -45.34 -4.75 2.55
N PRO A 362 -45.09 -4.25 1.34
CA PRO A 362 -44.65 -2.85 1.21
C PRO A 362 -45.81 -1.89 1.36
N PRO A 363 -45.54 -0.62 1.59
CA PRO A 363 -46.62 0.38 1.66
C PRO A 363 -47.21 0.64 0.29
N GLU A 364 -48.32 1.38 0.30
CA GLU A 364 -48.99 1.74 -0.95
C GLU A 364 -48.06 2.54 -1.85
N ARG A 365 -48.10 2.27 -3.14
CA ARG A 365 -47.29 3.03 -4.09
C ARG A 365 -47.70 4.50 -4.08
N VAL A 366 -46.82 5.33 -4.60
CA VAL A 366 -47.08 6.76 -4.73
C VAL A 366 -46.65 7.19 -6.13
N GLU A 367 -47.61 7.35 -7.04
CA GLU A 367 -47.30 7.64 -8.43
C GLU A 367 -47.32 9.14 -8.75
N LYS A 368 -47.57 9.99 -7.76
CA LYS A 368 -47.58 11.42 -7.96
C LYS A 368 -46.15 11.97 -7.87
N ASN A 369 -46.00 13.27 -8.07
CA ASN A 369 -44.70 13.93 -7.96
C ASN A 369 -44.41 14.17 -6.49
N ILE A 370 -43.60 13.29 -5.89
CA ILE A 370 -43.34 13.37 -4.46
C ILE A 370 -42.57 14.64 -4.10
N TYR A 371 -41.76 15.15 -5.02
CA TYR A 371 -41.01 16.38 -4.74
C TYR A 371 -41.92 17.58 -4.58
N LYS A 372 -43.07 17.58 -5.26
CA LYS A 372 -44.00 18.70 -5.23
C LYS A 372 -45.08 18.54 -4.17
N LEU A 373 -44.93 17.59 -3.24
CA LEU A 373 -45.87 17.43 -2.15
C LEU A 373 -45.50 18.36 -1.00
N THR A 374 -46.50 18.69 -0.19
CA THR A 374 -46.29 19.48 1.01
C THR A 374 -45.93 18.58 2.19
N GLU A 375 -45.27 19.16 3.19
CA GLU A 375 -45.01 18.43 4.42
C GLU A 375 -46.31 17.93 5.03
N GLU A 376 -47.38 18.71 4.91
CA GLU A 376 -48.69 18.26 5.37
C GLU A 376 -49.18 17.09 4.53
N GLU A 377 -49.02 17.17 3.21
CA GLU A 377 -49.46 16.07 2.34
C GLU A 377 -48.67 14.80 2.65
N ARG A 378 -47.36 14.92 2.86
CA ARG A 378 -46.55 13.73 3.12
C ARG A 378 -46.94 13.05 4.41
N GLU A 379 -47.38 13.82 5.42
CA GLU A 379 -47.75 13.21 6.69
C GLU A 379 -49.05 12.40 6.56
N LYS A 380 -49.99 12.88 5.74
CA LYS A 380 -51.23 12.14 5.53
C LYS A 380 -50.95 10.77 4.90
N LEU A 381 -50.07 10.73 3.91
CA LEU A 381 -49.70 9.49 3.24
C LEU A 381 -48.71 8.66 4.04
N GLY A 382 -48.21 9.17 5.17
CA GLY A 382 -47.28 8.42 5.97
C GLY A 382 -45.89 8.31 5.39
N ILE A 383 -45.50 9.22 4.51
CA ILE A 383 -44.20 9.16 3.87
C ILE A 383 -43.14 9.58 4.88
N GLY A 384 -42.15 8.70 5.10
CA GLY A 384 -41.01 9.04 5.92
C GLY A 384 -39.86 9.60 5.11
N MET A 385 -38.77 9.91 5.81
CA MET A 385 -37.58 10.46 5.18
C MET A 385 -36.35 9.70 5.62
N LEU A 386 -35.30 9.79 4.81
CA LEU A 386 -34.02 9.19 5.11
C LEU A 386 -33.34 9.98 6.22
N PRO A 387 -32.27 9.44 6.80
CA PRO A 387 -31.47 10.24 7.75
C PRO A 387 -30.99 11.53 7.11
N GLY A 388 -30.93 12.59 7.92
CA GLY A 388 -30.55 13.89 7.42
C GLY A 388 -29.05 14.11 7.40
N THR A 389 -28.33 13.44 8.30
CA THR A 389 -26.89 13.59 8.42
C THR A 389 -26.24 12.20 8.48
N LEU A 390 -24.90 12.20 8.45
CA LEU A 390 -24.17 10.95 8.53
C LEU A 390 -24.27 10.33 9.92
N LYS A 391 -24.29 11.17 10.96
CA LYS A 391 -24.49 10.65 12.31
C LYS A 391 -25.85 10.02 12.47
N GLU A 392 -26.88 10.67 11.90
CA GLU A 392 -28.24 10.14 11.99
C GLU A 392 -28.33 8.75 11.37
N ALA A 393 -27.62 8.52 10.27
CA ALA A 393 -27.66 7.22 9.61
C ALA A 393 -26.84 6.18 10.35
N ILE A 394 -25.71 6.59 10.92
CA ILE A 394 -24.89 5.66 11.70
C ILE A 394 -25.65 5.22 12.95
N GLU A 395 -26.38 6.14 13.58
CA GLU A 395 -27.19 5.77 14.73
C GLU A 395 -28.30 4.80 14.32
N CYS A 396 -28.89 5.00 13.15
CA CYS A 396 -29.88 4.05 12.65
C CYS A 396 -29.25 2.73 12.26
N PHE A 397 -27.98 2.75 11.83
CA PHE A 397 -27.29 1.53 11.45
C PHE A 397 -26.89 0.70 12.67
N LYS A 398 -26.59 1.37 13.79
CA LYS A 398 -26.25 0.64 15.01
C LYS A 398 -27.41 -0.22 15.48
N GLU A 399 -28.63 0.30 15.40
CA GLU A 399 -29.79 -0.39 15.94
C GLU A 399 -30.34 -1.46 15.00
N ASP A 400 -29.85 -1.54 13.76
CA ASP A 400 -30.31 -2.55 12.81
C ASP A 400 -29.55 -3.83 13.08
N GLU A 401 -30.15 -4.72 13.88
CA GLU A 401 -29.49 -5.98 14.22
C GLU A 401 -29.30 -6.86 13.00
N LEU A 402 -30.22 -6.81 12.04
CA LEU A 402 -30.12 -7.67 10.86
C LEU A 402 -28.93 -7.25 9.99
N LEU A 403 -28.79 -5.95 9.74
CA LEU A 403 -27.73 -5.49 8.85
C LEU A 403 -26.36 -5.75 9.45
N VAL A 404 -26.19 -5.46 10.75
CA VAL A 404 -24.90 -5.67 11.39
C VAL A 404 -24.53 -7.15 11.37
N SER A 405 -25.52 -8.03 11.51
CA SER A 405 -25.25 -9.46 11.50
C SER A 405 -24.92 -9.96 10.10
N ALA A 406 -25.52 -9.36 9.07
CA ALA A 406 -25.23 -9.76 7.70
C ALA A 406 -23.85 -9.28 7.26
N LEU A 407 -23.53 -8.02 7.52
CA LEU A 407 -22.23 -7.49 7.15
C LEU A 407 -21.13 -8.03 8.06
N GLY A 408 -21.48 -8.44 9.28
CA GLY A 408 -20.51 -8.92 10.23
C GLY A 408 -20.12 -7.87 11.23
N GLU A 409 -19.91 -8.28 12.49
CA GLU A 409 -19.57 -7.33 13.54
C GLU A 409 -18.29 -6.59 13.22
N HIS A 410 -17.35 -7.25 12.53
CA HIS A 410 -16.07 -6.60 12.23
C HIS A 410 -16.24 -5.46 11.24
N VAL A 411 -16.88 -5.75 10.09
CA VAL A 411 -17.06 -4.72 9.07
C VAL A 411 -17.95 -3.60 9.59
N SER A 412 -19.00 -3.97 10.33
CA SER A 412 -19.91 -2.96 10.87
C SER A 412 -19.16 -2.00 11.79
N GLN A 413 -18.31 -2.53 12.66
CA GLN A 413 -17.57 -1.68 13.58
C GLN A 413 -16.60 -0.78 12.83
N SER A 414 -15.94 -1.32 11.80
CA SER A 414 -15.04 -0.49 11.00
C SER A 414 -15.81 0.65 10.34
N ILE A 415 -17.00 0.37 9.81
CA ILE A 415 -17.81 1.41 9.19
C ILE A 415 -18.16 2.50 10.20
N ILE A 416 -18.57 2.09 11.40
CA ILE A 416 -18.96 3.06 12.42
C ILE A 416 -17.76 3.88 12.86
N ASN A 417 -16.59 3.26 12.96
CA ASN A 417 -15.41 3.98 13.43
C ASN A 417 -15.02 5.08 12.46
N VAL A 418 -14.93 4.77 11.17
CA VAL A 418 -14.52 5.77 10.19
C VAL A 418 -15.55 6.87 10.07
N ALA A 419 -16.84 6.52 10.14
CA ALA A 419 -17.89 7.52 10.00
C ALA A 419 -17.88 8.49 11.17
N MET A 420 -17.84 7.97 12.40
CA MET A 420 -17.80 8.85 13.56
C MET A 420 -16.49 9.64 13.63
N ALA A 421 -15.42 9.10 13.04
CA ALA A 421 -14.18 9.87 12.93
C ALA A 421 -14.39 11.10 12.07
N ASP A 422 -14.96 10.92 10.87
CA ASP A 422 -15.26 12.05 10.02
C ASP A 422 -16.23 13.02 10.69
N TRP A 423 -17.20 12.49 11.42
CA TRP A 423 -18.23 13.35 12.01
C TRP A 423 -17.66 14.19 13.14
N ASP A 424 -16.88 13.58 14.04
CA ASP A 424 -16.33 14.34 15.15
C ASP A 424 -15.43 15.46 14.65
N SER A 425 -14.82 15.28 13.47
CA SER A 425 -14.02 16.35 12.88
C SER A 425 -14.90 17.39 12.19
N TYR A 426 -15.99 16.94 11.57
CA TYR A 426 -16.84 17.85 10.81
C TYR A 426 -17.66 18.75 11.73
N ARG A 427 -18.14 18.20 12.86
CA ARG A 427 -19.03 18.96 13.73
C ARG A 427 -18.31 20.08 14.47
N THR A 428 -16.99 19.99 14.61
CA THR A 428 -16.23 21.00 15.34
C THR A 428 -15.68 22.10 14.44
N GLN A 429 -15.81 21.96 13.12
CA GLN A 429 -15.23 22.93 12.20
C GLN A 429 -16.01 24.24 12.23
N VAL A 430 -15.28 25.34 12.02
CA VAL A 430 -15.87 26.64 11.77
C VAL A 430 -15.77 26.89 10.27
N HIS A 431 -16.91 26.86 9.60
CA HIS A 431 -16.93 26.97 8.14
C HIS A 431 -17.02 28.43 7.71
N GLN A 432 -16.69 28.68 6.45
CA GLN A 432 -16.73 30.03 5.91
C GLN A 432 -18.14 30.60 5.94
N TRP A 433 -19.15 29.76 5.70
CA TRP A 433 -20.53 30.21 5.72
C TRP A 433 -20.83 30.94 7.03
N GLU A 434 -20.26 30.47 8.14
CA GLU A 434 -20.55 31.10 9.43
C GLU A 434 -19.90 32.47 9.52
N LEU A 435 -18.69 32.60 8.98
CA LEU A 435 -18.03 33.89 8.98
C LEU A 435 -18.71 34.87 8.04
N ASP A 436 -19.15 34.38 6.87
CA ASP A 436 -19.87 35.25 5.93
C ASP A 436 -21.19 35.73 6.53
N ARG A 437 -21.82 34.91 7.37
CA ARG A 437 -23.15 35.24 7.87
C ARG A 437 -23.10 36.16 9.08
N TYR A 438 -22.10 35.99 9.95
CA TYR A 438 -22.14 36.59 11.27
C TYR A 438 -21.00 37.57 11.56
N LEU A 439 -19.87 37.49 10.86
CA LEU A 439 -18.71 38.26 11.28
C LEU A 439 -18.95 39.77 11.20
N GLN A 440 -19.59 40.23 10.13
CA GLN A 440 -19.73 41.68 9.94
C GLN A 440 -20.75 42.27 10.91
N THR A 441 -21.84 41.56 11.17
CA THR A 441 -22.92 42.13 11.98
C THR A 441 -22.73 41.88 13.48
N TYR A 442 -22.13 40.76 13.86
CA TYR A 442 -21.99 40.43 15.28
C TYR A 442 -20.60 40.75 15.80
N SER B 3 37.33 -19.14 -17.35
CA SER B 3 37.18 -18.53 -16.04
C SER B 3 36.13 -17.43 -16.07
N LYS B 4 35.93 -16.77 -14.93
CA LYS B 4 34.97 -15.67 -14.87
C LYS B 4 35.43 -14.48 -15.69
N GLU B 5 36.74 -14.18 -15.66
CA GLU B 5 37.25 -13.05 -16.41
C GLU B 5 37.04 -13.23 -17.91
N ASP B 6 36.95 -14.47 -18.38
CA ASP B 6 36.71 -14.70 -19.80
C ASP B 6 35.31 -14.26 -20.20
N GLU B 7 34.31 -14.54 -19.36
CA GLU B 7 32.95 -14.09 -19.66
C GLU B 7 32.84 -12.57 -19.61
N ILE B 8 33.61 -11.92 -18.72
CA ILE B 8 33.54 -10.46 -18.63
C ILE B 8 33.97 -9.83 -19.96
N PHE B 9 35.08 -10.30 -20.52
CA PHE B 9 35.54 -9.75 -21.79
C PHE B 9 34.64 -10.20 -22.94
N ARG B 10 33.98 -11.34 -22.81
CA ARG B 10 33.01 -11.75 -23.81
C ARG B 10 31.81 -10.80 -23.84
N ILE B 11 31.33 -10.40 -22.65
CA ILE B 11 30.22 -9.48 -22.57
C ILE B 11 30.62 -8.10 -23.10
N VAL B 12 31.84 -7.67 -22.81
CA VAL B 12 32.31 -6.36 -23.25
C VAL B 12 32.27 -6.26 -24.76
N GLU B 13 32.80 -7.29 -25.44
CA GLU B 13 32.82 -7.25 -26.91
C GLU B 13 31.41 -7.27 -27.48
N GLU B 14 30.51 -8.05 -26.88
CA GLU B 14 29.16 -8.16 -27.42
C GLU B 14 28.35 -6.91 -27.13
N LYS B 15 28.29 -6.49 -25.86
CA LYS B 15 27.54 -5.30 -25.49
C LYS B 15 28.29 -4.01 -25.76
N ASN B 16 29.48 -4.08 -26.34
CA ASN B 16 30.29 -2.91 -26.66
C ASN B 16 30.42 -1.98 -25.45
N VAL B 17 30.91 -2.56 -24.36
CA VAL B 17 31.18 -1.79 -23.15
C VAL B 17 32.48 -1.02 -23.35
N ARG B 18 32.45 0.28 -23.05
CA ARG B 18 33.59 1.15 -23.26
C ARG B 18 34.17 1.73 -21.98
N PHE B 19 33.44 1.65 -20.86
CA PHE B 19 33.91 2.16 -19.59
C PHE B 19 33.43 1.24 -18.47
N VAL B 20 34.27 1.07 -17.46
CA VAL B 20 33.95 0.24 -16.30
C VAL B 20 34.07 1.10 -15.05
N ARG B 21 33.07 1.02 -14.18
CA ARG B 21 33.07 1.73 -12.91
C ARG B 21 33.46 0.77 -11.80
N LEU B 22 34.47 1.14 -11.03
CA LEU B 22 34.97 0.31 -9.93
C LEU B 22 34.37 0.85 -8.64
N GLN B 23 33.30 0.19 -8.16
CA GLN B 23 32.53 0.65 -7.02
C GLN B 23 33.13 0.16 -5.69
N PHE B 24 32.81 0.91 -4.64
CA PHE B 24 33.04 0.50 -3.26
C PHE B 24 32.31 1.52 -2.38
N VAL B 25 32.40 1.33 -1.07
CA VAL B 25 31.75 2.23 -0.12
C VAL B 25 32.75 2.60 0.98
N ASP B 26 32.55 3.79 1.54
CA ASP B 26 33.28 4.20 2.74
C ASP B 26 32.55 3.62 3.95
N VAL B 27 32.98 3.98 5.16
CA VAL B 27 32.36 3.43 6.36
C VAL B 27 30.90 3.85 6.46
N GLN B 28 30.56 5.02 5.92
CA GLN B 28 29.19 5.51 6.01
C GLN B 28 28.23 4.79 5.08
N GLY B 29 28.74 4.03 4.12
CA GLY B 29 27.90 3.36 3.14
C GLY B 29 27.64 4.15 1.89
N ILE B 30 28.30 5.29 1.71
CA ILE B 30 28.10 6.12 0.51
C ILE B 30 28.88 5.51 -0.65
N PRO B 31 28.28 5.30 -1.82
CA PRO B 31 29.02 4.68 -2.92
C PRO B 31 30.13 5.58 -3.44
N LYS B 32 31.24 4.95 -3.81
CA LYS B 32 32.38 5.63 -4.42
C LYS B 32 32.83 4.81 -5.64
N ASN B 33 33.40 5.50 -6.62
CA ASN B 33 33.79 4.79 -7.83
C ASN B 33 34.86 5.55 -8.59
N VAL B 34 35.65 4.81 -9.36
CA VAL B 34 36.59 5.37 -10.33
C VAL B 34 36.19 4.83 -11.70
N ALA B 35 36.16 5.71 -12.69
CA ALA B 35 35.86 5.31 -14.06
C ALA B 35 37.16 5.06 -14.80
N ILE B 36 37.27 3.89 -15.43
CA ILE B 36 38.44 3.55 -16.24
C ILE B 36 37.97 3.20 -17.65
N PRO B 37 38.75 3.49 -18.69
CA PRO B 37 38.45 2.93 -20.00
C PRO B 37 38.56 1.42 -19.97
N VAL B 38 37.80 0.77 -20.85
CA VAL B 38 37.82 -0.69 -20.89
C VAL B 38 39.21 -1.21 -21.24
N GLY B 39 40.08 -0.36 -21.77
CA GLY B 39 41.46 -0.77 -22.04
C GLY B 39 42.26 -1.04 -20.78
N GLN B 40 41.83 -0.51 -19.64
CA GLN B 40 42.46 -0.77 -18.36
C GLN B 40 41.82 -1.94 -17.61
N LEU B 41 40.78 -2.56 -18.17
CA LEU B 41 40.08 -3.62 -17.46
C LEU B 41 40.98 -4.80 -17.18
N GLU B 42 41.86 -5.14 -18.11
CA GLU B 42 42.80 -6.24 -17.86
C GLU B 42 43.69 -5.92 -16.67
N LYS B 43 44.14 -4.67 -16.56
CA LYS B 43 44.97 -4.27 -15.43
C LYS B 43 44.14 -4.24 -14.13
N ALA B 44 42.89 -3.78 -14.22
CA ALA B 44 42.06 -3.68 -13.02
C ALA B 44 41.77 -5.05 -12.43
N LEU B 45 41.50 -6.05 -13.28
CA LEU B 45 41.23 -7.40 -12.80
C LEU B 45 42.51 -8.15 -12.45
N GLY B 46 43.66 -7.71 -12.94
CA GLY B 46 44.92 -8.32 -12.60
C GLY B 46 45.49 -7.75 -11.32
N PRO B 47 46.53 -6.91 -11.42
CA PRO B 47 47.12 -6.33 -10.20
C PRO B 47 46.19 -5.38 -9.46
N GLY B 48 45.23 -4.77 -10.14
CA GLY B 48 44.33 -3.81 -9.52
C GLY B 48 44.76 -2.38 -9.79
N ILE B 49 43.81 -1.47 -9.58
CA ILE B 49 44.02 -0.04 -9.84
C ILE B 49 44.32 0.64 -8.51
N HIS B 50 45.51 1.21 -8.40
CA HIS B 50 45.89 1.93 -7.19
C HIS B 50 45.16 3.27 -7.13
N PHE B 51 45.04 3.81 -5.91
CA PHE B 51 44.38 5.09 -5.73
C PHE B 51 44.74 5.65 -4.36
N ASP B 52 44.37 6.91 -4.15
CA ASP B 52 44.66 7.62 -2.91
C ASP B 52 43.46 7.45 -1.98
N GLY B 53 43.65 6.74 -0.87
CA GLY B 53 42.58 6.50 0.07
C GLY B 53 42.43 7.52 1.17
N SER B 54 43.37 8.45 1.30
CA SER B 54 43.35 9.41 2.39
C SER B 54 42.17 10.37 2.31
N SER B 55 41.51 10.46 1.16
CA SER B 55 40.35 11.33 0.98
C SER B 55 39.03 10.58 1.09
N ILE B 56 39.05 9.32 1.52
CA ILE B 56 37.84 8.52 1.74
C ILE B 56 37.57 8.49 3.24
N GLU B 57 36.30 8.60 3.62
CA GLU B 57 35.94 8.72 5.03
C GLU B 57 36.33 7.47 5.79
N GLY B 58 37.08 7.66 6.87
CA GLY B 58 37.42 6.56 7.77
C GLY B 58 38.22 5.46 7.11
N PHE B 59 39.16 5.82 6.23
CA PHE B 59 40.02 4.84 5.57
C PHE B 59 41.42 5.02 6.13
N VAL B 60 42.33 5.69 5.44
CA VAL B 60 43.73 5.75 5.86
C VAL B 60 44.17 7.18 6.09
N ARG B 61 45.42 7.35 6.52
CA ARG B 61 46.01 8.66 6.75
C ARG B 61 46.83 9.09 5.53
N ILE B 62 47.28 10.34 5.56
CA ILE B 62 48.00 10.90 4.41
C ILE B 62 49.37 10.26 4.26
N GLU B 63 50.01 9.90 5.37
CA GLU B 63 51.37 9.36 5.30
C GLU B 63 51.43 7.93 4.79
N GLU B 64 50.30 7.20 4.80
CA GLU B 64 50.22 5.83 4.28
C GLU B 64 48.91 5.71 3.52
N SER B 65 48.84 6.33 2.35
CA SER B 65 47.58 6.52 1.64
C SER B 65 47.38 5.58 0.46
N ASP B 66 48.44 4.97 -0.06
CA ASP B 66 48.31 4.14 -1.24
C ASP B 66 47.46 2.92 -0.95
N MET B 67 46.45 2.69 -1.79
CA MET B 67 45.55 1.55 -1.65
C MET B 67 45.23 1.01 -3.03
N VAL B 68 44.59 -0.16 -3.07
CA VAL B 68 44.37 -0.90 -4.31
C VAL B 68 42.93 -1.38 -4.36
N LEU B 69 42.33 -1.31 -5.54
CA LEU B 69 40.98 -1.81 -5.77
C LEU B 69 41.05 -3.22 -6.32
N ARG B 70 40.45 -4.15 -5.58
CA ARG B 70 40.44 -5.55 -6.03
C ARG B 70 39.02 -5.90 -6.41
N PRO B 71 38.69 -5.90 -7.71
CA PRO B 71 37.30 -6.13 -8.11
C PRO B 71 36.83 -7.55 -7.82
N ASP B 72 35.53 -7.67 -7.56
CA ASP B 72 34.88 -8.96 -7.41
C ASP B 72 34.28 -9.36 -8.76
N PRO B 73 34.83 -10.35 -9.46
CA PRO B 73 34.33 -10.64 -10.82
C PRO B 73 32.84 -10.96 -10.87
N ASP B 74 32.29 -11.62 -9.86
CA ASP B 74 30.89 -12.02 -9.91
C ASP B 74 29.94 -10.82 -9.95
N THR B 75 30.38 -9.65 -9.49
CA THR B 75 29.53 -8.48 -9.41
C THR B 75 29.48 -7.68 -10.69
N PHE B 76 29.99 -8.22 -11.79
CA PHE B 76 30.03 -7.49 -13.05
C PHE B 76 28.62 -7.40 -13.64
N ARG B 77 28.14 -6.17 -13.85
CA ARG B 77 26.88 -5.93 -14.53
C ARG B 77 27.06 -4.77 -15.51
N VAL B 78 26.22 -4.74 -16.53
CA VAL B 78 26.18 -3.63 -17.48
C VAL B 78 25.06 -2.68 -17.06
N LEU B 79 25.35 -1.39 -17.05
CA LEU B 79 24.36 -0.40 -16.65
C LEU B 79 23.36 -0.19 -17.79
N PRO B 80 22.08 -0.51 -17.60
CA PRO B 80 21.14 -0.48 -18.74
C PRO B 80 20.87 0.90 -19.31
N TRP B 81 21.08 1.98 -18.54
CA TRP B 81 20.78 3.33 -19.03
C TRP B 81 21.93 3.94 -19.81
N SER B 82 22.56 3.18 -20.70
CA SER B 82 23.70 3.65 -21.49
C SER B 82 23.37 3.59 -22.96
N GLY B 83 23.54 4.72 -23.65
CA GLY B 83 23.25 4.80 -25.07
C GLY B 83 24.34 5.49 -25.86
N ASN B 84 24.73 4.90 -26.98
CA ASN B 84 25.81 5.46 -27.81
C ASN B 84 25.48 6.87 -28.26
N THR B 87 28.08 3.07 -26.98
CA THR B 87 28.76 3.47 -25.76
C THR B 87 28.01 2.98 -24.53
N ALA B 88 28.37 1.79 -24.06
CA ALA B 88 27.80 1.21 -22.85
C ALA B 88 28.76 1.39 -21.69
N GLU B 89 28.26 1.10 -20.49
CA GLU B 89 29.03 1.21 -19.27
C GLU B 89 28.72 0.01 -18.38
N ALA B 90 29.75 -0.52 -17.74
CA ALA B 90 29.61 -1.61 -16.78
C ALA B 90 30.17 -1.16 -15.43
N ARG B 91 29.86 -1.95 -14.40
CA ARG B 91 30.31 -1.65 -13.05
C ARG B 91 30.86 -2.92 -12.40
N LEU B 92 31.81 -2.72 -11.48
CA LEU B 92 32.39 -3.79 -10.68
C LEU B 92 32.41 -3.34 -9.23
N ILE B 93 31.81 -4.13 -8.35
CA ILE B 93 31.95 -3.89 -6.91
C ILE B 93 33.31 -4.41 -6.48
N CYS B 94 34.04 -3.60 -5.73
CA CYS B 94 35.43 -3.88 -5.41
C CYS B 94 35.64 -4.01 -3.91
N ASP B 95 36.65 -4.78 -3.54
CA ASP B 95 37.23 -4.75 -2.21
C ASP B 95 38.49 -3.89 -2.24
N ILE B 96 38.91 -3.44 -1.08
CA ILE B 96 40.09 -2.59 -0.95
C ILE B 96 41.21 -3.40 -0.30
N GLU B 97 42.34 -3.44 -1.00
CA GLU B 97 43.51 -4.14 -0.44
C GLU B 97 44.65 -3.14 -0.36
N LEU B 98 45.64 -3.43 0.48
CA LEU B 98 46.82 -2.60 0.61
C LEU B 98 47.84 -2.97 -0.45
N PRO B 99 48.84 -2.13 -0.70
CA PRO B 99 49.80 -2.42 -1.77
C PRO B 99 50.51 -3.75 -1.61
N ASP B 100 50.60 -4.29 -0.39
CA ASP B 100 51.23 -5.58 -0.15
C ASP B 100 50.27 -6.76 -0.30
N GLY B 101 49.07 -6.52 -0.81
CA GLY B 101 48.08 -7.56 -0.95
C GLY B 101 47.26 -7.83 0.30
N LYS B 102 47.67 -7.30 1.45
CA LYS B 102 46.91 -7.53 2.67
C LYS B 102 45.54 -6.86 2.58
N PRO B 103 44.47 -7.54 3.02
CA PRO B 103 43.16 -6.89 3.01
C PRO B 103 43.11 -5.69 3.95
N PHE B 104 42.51 -4.60 3.48
CA PHE B 104 42.38 -3.40 4.29
C PHE B 104 41.34 -3.65 5.38
N MET B 105 41.78 -3.59 6.64
CA MET B 105 40.90 -3.90 7.75
C MET B 105 39.64 -3.04 7.75
N GLY B 106 39.73 -1.82 7.21
CA GLY B 106 38.65 -0.87 7.25
C GLY B 106 37.62 -0.99 6.16
N CYS B 107 37.81 -1.88 5.20
CA CYS B 107 36.83 -2.02 4.11
C CYS B 107 35.55 -2.66 4.65
N PRO B 108 34.40 -1.99 4.59
CA PRO B 108 33.18 -2.59 5.15
C PRO B 108 32.81 -3.91 4.51
N ARG B 109 33.00 -4.05 3.19
CA ARG B 109 32.63 -5.30 2.53
C ARG B 109 33.51 -6.45 3.03
N GLN B 110 34.80 -6.19 3.24
CA GLN B 110 35.68 -7.21 3.80
C GLN B 110 35.21 -7.63 5.20
N VAL B 111 34.69 -6.68 5.97
CA VAL B 111 34.22 -7.00 7.32
C VAL B 111 33.10 -8.03 7.26
N LEU B 112 32.09 -7.78 6.44
CA LEU B 112 31.01 -8.75 6.29
C LEU B 112 31.55 -10.09 5.80
N LYS B 113 32.50 -10.06 4.86
CA LYS B 113 33.11 -11.30 4.40
C LYS B 113 33.75 -12.06 5.55
N LYS B 114 34.46 -11.36 6.42
CA LYS B 114 35.09 -12.02 7.56
C LYS B 114 34.05 -12.67 8.46
N ASN B 115 32.99 -11.93 8.81
CA ASN B 115 31.96 -12.48 9.69
C ASN B 115 31.21 -13.63 9.02
N MET B 116 31.02 -13.57 7.70
CA MET B 116 30.39 -14.68 7.00
C MET B 116 31.29 -15.91 7.00
N GLU B 117 32.61 -15.71 6.90
CA GLU B 117 33.52 -16.84 6.95
C GLU B 117 33.48 -17.53 8.31
N GLU B 118 33.41 -16.75 9.37
CA GLU B 118 33.31 -17.35 10.72
C GLU B 118 32.00 -18.13 10.83
N ALA B 119 30.91 -17.58 10.32
CA ALA B 119 29.64 -18.30 10.34
C ALA B 119 29.73 -19.59 9.53
N ALA B 120 30.50 -19.58 8.44
CA ALA B 120 30.67 -20.79 7.64
C ALA B 120 31.42 -21.86 8.41
N LYS B 121 32.29 -21.45 9.34
CA LYS B 121 33.02 -22.44 10.18
C LYS B 121 32.01 -23.37 10.82
N LEU B 122 30.95 -22.82 11.40
CA LEU B 122 29.94 -23.59 12.09
C LEU B 122 28.87 -24.15 11.16
N GLY B 123 29.02 -23.95 9.85
CA GLY B 123 28.07 -24.48 8.89
C GLY B 123 26.86 -23.62 8.64
N TYR B 124 26.88 -22.35 9.04
CA TYR B 124 25.74 -21.45 8.88
C TYR B 124 25.98 -20.48 7.74
N VAL B 125 24.93 -20.24 6.96
CA VAL B 125 24.91 -19.20 5.93
C VAL B 125 23.71 -18.31 6.23
N MET B 126 23.96 -17.04 6.54
CA MET B 126 22.88 -16.12 6.88
C MET B 126 22.27 -15.57 5.60
N ASN B 127 20.96 -15.74 5.47
CA ASN B 127 20.20 -15.16 4.37
C ASN B 127 19.45 -13.92 4.86
N THR B 128 19.42 -12.89 4.04
CA THR B 128 18.78 -11.63 4.40
C THR B 128 17.93 -11.13 3.24
N GLY B 129 16.76 -10.61 3.58
CA GLY B 129 15.85 -10.06 2.59
C GLY B 129 15.19 -8.81 3.11
N PRO B 130 15.81 -7.65 2.88
CA PRO B 130 15.34 -6.42 3.49
C PRO B 130 14.14 -5.83 2.77
N GLU B 131 13.41 -5.00 3.51
CA GLU B 131 12.25 -4.27 3.00
C GLU B 131 12.65 -2.79 2.96
N MET B 132 13.08 -2.34 1.78
CA MET B 132 13.60 -0.98 1.61
C MET B 132 12.44 0.00 1.49
N GLU B 133 12.29 0.88 2.47
CA GLU B 133 11.38 2.01 2.37
C GLU B 133 12.18 3.25 1.96
N PHE B 134 11.57 4.11 1.16
CA PHE B 134 12.26 5.32 0.72
C PHE B 134 11.22 6.36 0.31
N PHE B 135 11.71 7.58 0.08
CA PHE B 135 10.87 8.71 -0.29
C PHE B 135 11.25 9.21 -1.67
N LEU B 136 10.26 9.74 -2.39
CA LEU B 136 10.46 10.39 -3.68
C LEU B 136 10.06 11.85 -3.51
N PHE B 137 11.04 12.75 -3.63
CA PHE B 137 10.83 14.16 -3.37
C PHE B 137 11.05 14.98 -4.64
N LYS B 138 10.43 16.15 -4.67
CA LYS B 138 10.55 17.05 -5.79
C LYS B 138 11.88 17.80 -5.75
N ARG B 139 12.32 18.24 -6.93
CA ARG B 139 13.48 19.12 -7.04
C ARG B 139 13.00 20.53 -7.34
N GLN B 140 13.66 21.51 -6.72
CA GLN B 140 13.35 22.91 -6.92
C GLN B 140 14.65 23.64 -7.27
N ASP B 141 14.76 24.08 -8.52
CA ASP B 141 15.97 24.72 -9.02
C ASP B 141 17.16 23.75 -8.96
N GLY B 142 16.94 22.54 -9.47
CA GLY B 142 17.96 21.52 -9.49
C GLY B 142 18.42 21.02 -8.14
N MET B 143 17.88 21.55 -7.05
CA MET B 143 18.27 21.15 -5.70
C MET B 143 17.20 20.28 -5.06
N PRO B 144 17.59 19.22 -4.36
CA PRO B 144 16.58 18.35 -3.74
C PRO B 144 15.86 19.04 -2.58
N THR B 145 14.61 18.64 -2.38
CA THR B 145 13.77 19.14 -1.29
C THR B 145 13.21 17.95 -0.52
N ASN B 146 12.39 18.24 0.48
CA ASN B 146 11.66 17.22 1.23
C ASN B 146 10.15 17.38 1.02
N ILE B 147 9.77 17.66 -0.22
CA ILE B 147 8.36 17.80 -0.61
C ILE B 147 7.92 16.51 -1.28
N PRO B 148 6.93 15.81 -0.74
CA PRO B 148 6.51 14.54 -1.37
C PRO B 148 6.00 14.74 -2.79
N GLN B 149 6.34 13.79 -3.66
CA GLN B 149 5.87 13.81 -5.04
C GLN B 149 4.39 13.48 -5.15
N ASP B 150 3.82 12.86 -4.13
CA ASP B 150 2.38 12.61 -4.06
C ASP B 150 1.98 12.57 -2.60
N ARG B 151 0.69 12.78 -2.36
CA ARG B 151 0.13 12.79 -1.01
C ARG B 151 -0.68 11.51 -0.75
N GLY B 152 -0.13 10.37 -1.16
CA GLY B 152 -0.81 9.10 -1.04
C GLY B 152 -0.48 8.39 0.27
N GLY B 153 -0.89 7.13 0.35
CA GLY B 153 -0.70 6.33 1.54
C GLY B 153 -0.41 4.87 1.27
N TYR B 154 -0.68 4.04 2.26
CA TYR B 154 -0.31 2.62 2.18
C TYR B 154 -1.08 1.92 1.07
N PHE B 155 -0.35 1.19 0.24
CA PHE B 155 -0.91 0.36 -0.83
C PHE B 155 -1.79 1.15 -1.79
N ASP B 156 -1.60 2.46 -1.88
CA ASP B 156 -2.48 3.26 -2.71
C ASP B 156 -2.22 3.03 -4.18
N LEU B 157 -3.22 3.38 -4.99
CA LEU B 157 -3.24 3.17 -6.43
C LEU B 157 -3.37 4.51 -7.12
N ALA B 158 -2.88 4.60 -8.36
CA ALA B 158 -3.09 5.80 -9.15
C ALA B 158 -4.60 6.05 -9.28
N PRO B 159 -5.02 7.33 -9.30
CA PRO B 159 -4.22 8.57 -9.37
C PRO B 159 -3.69 9.06 -8.03
N ILE B 160 -3.97 8.33 -6.94
CA ILE B 160 -3.45 8.74 -5.64
C ILE B 160 -1.95 8.49 -5.56
N ASP B 161 -1.47 7.41 -6.20
CA ASP B 161 -0.06 7.09 -6.27
C ASP B 161 0.48 7.62 -7.61
N LEU B 162 1.29 8.66 -7.55
CA LEU B 162 1.78 9.34 -8.75
C LEU B 162 3.13 8.82 -9.23
N ALA B 163 3.67 7.78 -8.59
CA ALA B 163 5.01 7.27 -8.92
C ALA B 163 4.95 5.85 -9.47
N GLU B 164 3.84 5.46 -10.07
CA GLU B 164 3.73 4.11 -10.62
C GLU B 164 4.68 3.92 -11.80
N GLU B 165 4.93 4.97 -12.59
CA GLU B 165 5.77 4.82 -13.77
C GLU B 165 7.24 4.69 -13.40
N ILE B 166 7.71 5.50 -12.44
CA ILE B 166 9.13 5.45 -12.08
C ILE B 166 9.42 4.18 -11.28
N LYS B 167 8.49 3.74 -10.44
CA LYS B 167 8.67 2.47 -9.75
C LYS B 167 8.71 1.31 -10.74
N ARG B 168 7.86 1.37 -11.78
CA ARG B 168 7.94 0.38 -12.84
C ARG B 168 9.27 0.46 -13.58
N GLU B 169 9.82 1.65 -13.71
CA GLU B 169 11.13 1.80 -14.34
C GLU B 169 12.24 1.23 -13.47
N ILE B 170 12.18 1.48 -12.16
CA ILE B 170 13.23 1.00 -11.25
C ILE B 170 13.24 -0.52 -11.23
N VAL B 171 12.07 -1.13 -11.04
CA VAL B 171 12.01 -2.59 -10.95
C VAL B 171 12.54 -3.23 -12.22
N LEU B 172 12.19 -2.67 -13.38
CA LEU B 172 12.65 -3.23 -14.64
C LEU B 172 14.17 -3.18 -14.75
N VAL B 173 14.77 -2.04 -14.38
CA VAL B 173 16.22 -1.92 -14.41
C VAL B 173 16.87 -2.94 -13.51
N LEU B 174 16.38 -3.06 -12.27
CA LEU B 174 16.93 -4.03 -11.33
C LEU B 174 16.86 -5.43 -11.91
N GLU B 175 15.70 -5.82 -12.45
CA GLU B 175 15.58 -7.14 -13.05
C GLU B 175 16.61 -7.35 -14.14
N GLU B 176 16.91 -6.29 -14.91
CA GLU B 176 17.94 -6.39 -15.93
C GLU B 176 19.32 -6.60 -15.34
N MET B 177 19.52 -6.26 -14.07
CA MET B 177 20.79 -6.47 -13.38
C MET B 177 20.81 -7.76 -12.56
N GLY B 178 19.86 -8.66 -12.79
CA GLY B 178 19.84 -9.93 -12.11
C GLY B 178 19.06 -9.95 -10.81
N PHE B 179 18.35 -8.88 -10.48
CA PHE B 179 17.54 -8.88 -9.29
C PHE B 179 16.33 -9.80 -9.45
N GLU B 180 15.86 -10.33 -8.33
CA GLU B 180 14.56 -11.00 -8.26
C GLU B 180 13.70 -10.17 -7.31
N VAL B 181 12.91 -9.27 -7.87
CA VAL B 181 12.06 -8.41 -7.06
C VAL B 181 10.79 -9.18 -6.70
N GLU B 182 10.31 -8.97 -5.47
CA GLU B 182 9.15 -9.67 -4.96
C GLU B 182 7.89 -8.81 -4.95
N ALA B 183 7.99 -7.55 -4.53
CA ALA B 183 6.82 -6.68 -4.47
C ALA B 183 7.26 -5.24 -4.34
N ALA B 184 6.43 -4.35 -4.88
CA ALA B 184 6.62 -2.91 -4.78
C ALA B 184 5.27 -2.27 -4.51
N HIS B 185 5.24 -1.31 -3.60
CA HIS B 185 3.97 -0.71 -3.19
C HIS B 185 4.22 0.64 -2.54
N HIS B 186 3.16 1.45 -2.49
CA HIS B 186 3.23 2.75 -1.84
C HIS B 186 3.12 2.56 -0.34
N GLU B 187 4.03 3.20 0.41
CA GLU B 187 4.10 3.05 1.85
C GLU B 187 3.22 4.09 2.52
N VAL B 188 3.22 4.09 3.86
CA VAL B 188 2.24 4.88 4.62
C VAL B 188 2.37 6.37 4.33
N ALA B 189 3.57 6.91 4.46
CA ALA B 189 3.74 8.35 4.41
C ALA B 189 3.56 8.88 2.98
N PHE B 190 3.44 10.20 2.87
CA PHE B 190 3.29 10.84 1.58
C PHE B 190 4.53 10.61 0.73
N GLY B 191 4.32 10.14 -0.50
CA GLY B 191 5.43 9.92 -1.41
C GLY B 191 6.43 8.89 -0.93
N GLN B 192 6.04 8.02 0.01
CA GLN B 192 6.90 6.96 0.50
C GLN B 192 6.56 5.66 -0.23
N HIS B 193 7.59 4.86 -0.50
CA HIS B 193 7.42 3.63 -1.26
C HIS B 193 8.32 2.56 -0.66
N GLU B 194 8.04 1.30 -1.04
CA GLU B 194 8.80 0.16 -0.56
C GLU B 194 8.99 -0.82 -1.69
N ILE B 195 10.24 -1.27 -1.87
CA ILE B 195 10.59 -2.30 -2.85
C ILE B 195 11.22 -3.46 -2.08
N ASP B 196 10.66 -4.64 -2.24
CA ASP B 196 11.15 -5.86 -1.58
C ASP B 196 11.70 -6.79 -2.64
N PHE B 197 12.92 -7.30 -2.42
CA PHE B 197 13.51 -8.28 -3.31
C PHE B 197 13.80 -9.57 -2.53
N LYS B 198 13.99 -10.64 -3.29
CA LYS B 198 14.12 -11.96 -2.69
C LYS B 198 15.36 -12.04 -1.81
N TYR B 199 15.24 -12.83 -0.74
CA TYR B 199 16.36 -13.03 0.17
C TYR B 199 17.56 -13.61 -0.58
N ASP B 200 18.74 -13.37 -0.02
CA ASP B 200 19.98 -13.92 -0.55
C ASP B 200 20.99 -13.91 0.60
N ASN B 201 22.20 -14.40 0.33
CA ASN B 201 23.23 -14.35 1.35
C ASN B 201 23.55 -12.90 1.70
N ALA B 202 24.13 -12.72 2.89
CA ALA B 202 24.37 -11.36 3.38
C ALA B 202 25.16 -10.52 2.38
N LEU B 203 26.18 -11.12 1.76
CA LEU B 203 27.05 -10.35 0.87
C LEU B 203 26.31 -9.93 -0.39
N ALA B 204 25.62 -10.87 -1.04
CA ALA B 204 24.87 -10.54 -2.23
C ALA B 204 23.76 -9.54 -1.93
N THR B 205 23.07 -9.72 -0.80
CA THR B 205 22.00 -8.79 -0.42
C THR B 205 22.56 -7.40 -0.17
N ALA B 206 23.72 -7.32 0.50
CA ALA B 206 24.34 -6.01 0.73
C ALA B 206 24.74 -5.36 -0.59
N ASP B 207 25.36 -6.12 -1.50
CA ASP B 207 25.63 -5.59 -2.83
C ASP B 207 24.34 -5.12 -3.50
N ASN B 208 23.24 -5.84 -3.28
CA ASN B 208 21.97 -5.46 -3.88
C ASN B 208 21.41 -4.18 -3.27
N VAL B 209 21.59 -4.01 -1.96
CA VAL B 209 21.10 -2.80 -1.31
C VAL B 209 21.80 -1.58 -1.89
N ILE B 210 23.14 -1.62 -1.96
CA ILE B 210 23.88 -0.51 -2.53
C ILE B 210 23.46 -0.27 -3.98
N THR B 211 23.25 -1.36 -4.73
CA THR B 211 22.83 -1.22 -6.12
C THR B 211 21.45 -0.57 -6.22
N LEU B 212 20.51 -1.00 -5.38
CA LEU B 212 19.15 -0.46 -5.45
C LEU B 212 19.15 1.03 -5.17
N LYS B 213 19.93 1.47 -4.19
CA LYS B 213 20.00 2.90 -3.91
C LYS B 213 20.57 3.67 -5.09
N TYR B 214 21.57 3.10 -5.76
CA TYR B 214 22.15 3.73 -6.95
C TYR B 214 21.12 3.85 -8.06
N VAL B 215 20.39 2.77 -8.33
CA VAL B 215 19.41 2.77 -9.40
C VAL B 215 18.26 3.72 -9.07
N ALA B 216 17.77 3.67 -7.83
CA ALA B 216 16.65 4.51 -7.45
C ALA B 216 17.02 5.99 -7.57
N LYS B 217 18.12 6.40 -6.95
CA LYS B 217 18.52 7.80 -7.00
C LYS B 217 18.79 8.26 -8.43
N THR B 218 19.33 7.38 -9.28
CA THR B 218 19.67 7.77 -10.64
C THR B 218 18.40 8.06 -11.45
N LEU B 219 17.46 7.11 -11.47
CA LEU B 219 16.25 7.30 -12.26
C LEU B 219 15.41 8.46 -11.73
N ALA B 220 15.37 8.64 -10.40
CA ALA B 220 14.65 9.78 -9.84
C ALA B 220 15.21 11.08 -10.38
N LEU B 221 16.54 11.17 -10.51
CA LEU B 221 17.14 12.37 -11.06
C LEU B 221 16.75 12.58 -12.52
N GLN B 222 16.67 11.49 -13.29
CA GLN B 222 16.25 11.61 -14.69
C GLN B 222 14.81 12.08 -14.81
N HIS B 223 13.99 11.87 -13.78
CA HIS B 223 12.61 12.34 -13.76
C HIS B 223 12.45 13.68 -13.05
N GLY B 224 13.55 14.39 -12.79
CA GLY B 224 13.46 15.64 -12.08
C GLY B 224 13.11 15.49 -10.61
N LEU B 225 13.29 14.31 -10.05
CA LEU B 225 12.94 14.00 -8.67
C LEU B 225 14.22 13.67 -7.88
N HIS B 226 14.03 13.44 -6.59
CA HIS B 226 15.13 13.07 -5.70
C HIS B 226 14.67 11.93 -4.81
N ALA B 227 15.30 10.77 -4.96
CA ALA B 227 15.06 9.64 -4.07
C ALA B 227 15.97 9.77 -2.85
N THR B 228 15.42 9.50 -1.68
CA THR B 228 16.19 9.58 -0.45
C THR B 228 15.84 8.42 0.47
N PHE B 229 16.88 7.84 1.07
CA PHE B 229 16.75 6.80 2.06
C PHE B 229 16.94 7.33 3.48
N MET B 230 16.89 8.65 3.63
CA MET B 230 16.97 9.27 4.95
C MET B 230 15.86 8.72 5.84
N PRO B 231 16.15 8.46 7.13
CA PRO B 231 15.14 7.78 7.96
C PRO B 231 13.88 8.59 8.22
N LYS B 232 14.02 9.87 8.54
CA LYS B 232 12.89 10.72 8.95
C LYS B 232 13.03 12.08 8.27
N PRO B 233 12.77 12.14 6.97
CA PRO B 233 12.95 13.42 6.26
C PRO B 233 11.85 14.42 6.54
N ILE B 234 10.66 13.96 6.90
CA ILE B 234 9.51 14.81 7.12
C ILE B 234 8.99 14.58 8.53
N PHE B 235 8.72 15.67 9.25
CA PHE B 235 8.12 15.57 10.57
C PHE B 235 6.61 15.39 10.45
N GLY B 236 6.06 14.49 11.26
CA GLY B 236 4.63 14.27 11.31
C GLY B 236 4.12 13.15 10.45
N VAL B 237 4.99 12.54 9.62
CA VAL B 237 4.62 11.41 8.78
C VAL B 237 5.50 10.22 9.17
N ASN B 238 5.08 9.04 8.73
CA ASN B 238 5.84 7.84 9.03
C ASN B 238 7.26 7.95 8.50
N GLY B 239 8.21 7.45 9.27
CA GLY B 239 9.58 7.38 8.80
C GLY B 239 9.81 6.12 7.99
N SER B 240 10.79 6.19 7.09
CA SER B 240 11.15 5.01 6.29
C SER B 240 12.12 4.13 7.08
N GLY B 241 11.87 2.82 7.06
CA GLY B 241 12.67 1.88 7.82
C GLY B 241 12.99 0.66 6.98
N MET B 242 14.06 -0.02 7.37
CA MET B 242 14.57 -1.18 6.64
C MET B 242 14.35 -2.43 7.48
N HIS B 243 13.12 -2.95 7.42
CA HIS B 243 12.81 -4.23 8.10
C HIS B 243 13.71 -5.28 7.45
N THR B 244 14.54 -5.95 8.25
CA THR B 244 15.51 -6.91 7.75
C THR B 244 15.06 -8.32 8.14
N ASN B 245 14.58 -9.07 7.16
CA ASN B 245 14.25 -10.48 7.37
C ASN B 245 15.53 -11.30 7.36
N THR B 246 15.65 -12.21 8.33
CA THR B 246 16.87 -12.99 8.50
C THR B 246 16.52 -14.43 8.82
N SER B 247 17.35 -15.35 8.34
CA SER B 247 17.23 -16.75 8.65
C SER B 247 18.59 -17.42 8.45
N LEU B 248 18.86 -18.43 9.27
CA LEU B 248 20.11 -19.18 9.18
C LEU B 248 19.85 -20.51 8.49
N PHE B 249 20.79 -20.92 7.64
CA PHE B 249 20.73 -22.18 6.91
C PHE B 249 21.96 -23.00 7.21
N LYS B 250 21.75 -24.30 7.44
CA LYS B 250 22.83 -25.23 7.75
C LYS B 250 22.50 -26.57 7.11
N ASP B 251 23.48 -27.13 6.41
CA ASP B 251 23.29 -28.38 5.65
C ASP B 251 22.17 -28.22 4.61
N GLY B 252 22.05 -27.02 4.04
CA GLY B 252 21.07 -26.75 3.00
C GLY B 252 19.65 -26.52 3.49
N LYS B 253 19.35 -26.81 4.76
CA LYS B 253 18.01 -26.66 5.31
C LYS B 253 17.94 -25.47 6.24
N ASN B 254 16.72 -24.99 6.46
CA ASN B 254 16.47 -23.83 7.30
C ASN B 254 16.72 -24.19 8.75
N ALA B 255 17.80 -23.68 9.33
CA ALA B 255 18.17 -24.01 10.70
C ALA B 255 17.18 -23.45 11.71
N PHE B 256 16.31 -22.53 11.32
CA PHE B 256 15.32 -21.95 12.21
C PHE B 256 14.04 -22.77 12.29
N TYR B 257 13.85 -23.73 11.40
CA TYR B 257 12.63 -24.52 11.34
C TYR B 257 12.81 -25.84 12.09
N ASP B 258 11.84 -26.18 12.93
CA ASP B 258 11.84 -27.45 13.66
C ASP B 258 10.39 -27.87 13.86
N PRO B 259 9.87 -28.76 13.02
CA PRO B 259 8.45 -29.13 13.13
C PRO B 259 8.08 -29.74 14.47
N ASP B 260 8.98 -30.50 15.09
CA ASP B 260 8.71 -31.11 16.39
C ASP B 260 8.82 -30.14 17.54
N ALA B 261 8.91 -28.84 17.28
CA ALA B 261 9.11 -27.83 18.31
C ALA B 261 7.88 -26.95 18.47
N PRO B 262 7.72 -26.31 19.64
CA PRO B 262 6.59 -25.39 19.82
C PRO B 262 6.65 -24.24 18.81
N ASP B 263 5.50 -23.92 18.24
CA ASP B 263 5.36 -22.95 17.15
C ASP B 263 6.24 -23.29 15.95
N GLN B 264 6.81 -24.50 15.92
CA GLN B 264 7.65 -24.95 14.81
C GLN B 264 8.85 -24.02 14.60
N ILE B 265 9.49 -23.64 15.71
CA ILE B 265 10.70 -22.83 15.68
C ILE B 265 11.76 -23.55 16.52
N SER B 266 12.96 -23.68 15.96
CA SER B 266 14.03 -24.42 16.61
C SER B 266 14.68 -23.59 17.71
N ASP B 267 15.41 -24.27 18.59
CA ASP B 267 16.17 -23.57 19.62
C ASP B 267 17.23 -22.66 19.00
N THR B 268 17.69 -23.00 17.79
CA THR B 268 18.63 -22.12 17.10
C THR B 268 18.00 -20.77 16.81
N LEU B 269 16.71 -20.77 16.44
CA LEU B 269 16.00 -19.50 16.25
C LEU B 269 15.98 -18.70 17.55
N ARG B 270 15.67 -19.35 18.67
CA ARG B 270 15.57 -18.64 19.94
C ARG B 270 16.93 -18.14 20.39
N TYR B 271 17.97 -18.96 20.27
CA TYR B 271 19.30 -18.55 20.70
C TYR B 271 19.82 -17.41 19.81
N PHE B 272 19.58 -17.49 18.50
CA PHE B 272 19.95 -16.39 17.62
C PHE B 272 19.25 -15.10 18.04
N VAL B 273 17.96 -15.19 18.36
CA VAL B 273 17.23 -14.00 18.81
C VAL B 273 17.79 -13.49 20.13
N GLY B 274 18.08 -14.41 21.05
CA GLY B 274 18.63 -14.00 22.33
C GLY B 274 19.90 -13.19 22.19
N GLY B 275 20.77 -13.59 21.27
CA GLY B 275 22.01 -12.85 21.06
C GLY B 275 21.77 -11.50 20.44
N VAL B 276 20.87 -11.43 19.45
CA VAL B 276 20.60 -10.16 18.78
C VAL B 276 20.01 -9.16 19.78
N LEU B 277 19.07 -9.61 20.61
CA LEU B 277 18.52 -8.72 21.62
C LEU B 277 19.56 -8.36 22.67
N LYS B 278 20.47 -9.29 22.98
CA LYS B 278 21.48 -9.02 24.00
C LYS B 278 22.38 -7.84 23.61
N HIS B 279 22.61 -7.66 22.32
CA HIS B 279 23.51 -6.62 21.82
C HIS B 279 22.78 -5.52 21.07
N ILE B 280 21.45 -5.49 21.12
CA ILE B 280 20.70 -4.62 20.20
C ILE B 280 21.01 -3.15 20.44
N ARG B 281 21.25 -2.76 21.69
CA ARG B 281 21.54 -1.36 21.97
C ARG B 281 22.77 -0.89 21.22
N ALA B 282 23.83 -1.71 21.20
CA ALA B 282 25.04 -1.34 20.49
C ALA B 282 24.86 -1.44 18.99
N ILE B 283 24.09 -2.44 18.53
CA ILE B 283 23.85 -2.59 17.10
C ILE B 283 23.18 -1.36 16.53
N THR B 284 22.34 -0.68 17.31
CA THR B 284 21.57 0.43 16.79
C THR B 284 22.47 1.55 16.26
N ALA B 285 23.67 1.71 16.85
CA ALA B 285 24.60 2.69 16.32
C ALA B 285 25.03 2.36 14.89
N ILE B 286 24.87 1.12 14.46
CA ILE B 286 25.22 0.71 13.10
C ILE B 286 24.01 0.77 12.19
N THR B 287 22.89 0.19 12.64
CA THR B 287 21.68 0.11 11.84
C THR B 287 20.91 1.43 11.80
N ASN B 288 21.23 2.36 12.70
CA ASN B 288 20.56 3.66 12.76
C ASN B 288 21.63 4.73 12.95
N PRO B 289 22.47 4.94 11.94
CA PRO B 289 23.74 5.65 12.16
C PRO B 289 23.67 7.16 12.17
N LEU B 290 22.52 7.75 11.83
CA LEU B 290 22.42 9.20 11.72
C LEU B 290 21.74 9.80 12.94
N VAL B 291 22.03 11.08 13.18
CA VAL B 291 21.27 11.84 14.17
C VAL B 291 19.79 11.76 13.86
N ASN B 292 19.45 11.84 12.57
CA ASN B 292 18.06 11.81 12.13
C ASN B 292 17.40 10.45 12.37
N SER B 293 18.18 9.39 12.54
CA SER B 293 17.57 8.07 12.72
C SER B 293 16.74 8.00 14.00
N TYR B 294 17.05 8.83 15.00
CA TYR B 294 16.41 8.78 16.30
C TYR B 294 15.25 9.76 16.41
N LYS B 295 14.92 10.46 15.32
CA LYS B 295 13.64 11.13 15.18
C LYS B 295 12.57 10.20 14.62
N ARG B 296 12.96 9.01 14.14
CA ARG B 296 12.04 7.91 13.87
C ARG B 296 11.97 6.93 15.03
N LEU B 297 13.13 6.56 15.60
CA LEU B 297 13.20 5.72 16.79
C LEU B 297 13.09 6.62 18.02
N VAL B 298 11.87 7.06 18.30
CA VAL B 298 11.59 7.95 19.43
C VAL B 298 10.87 7.14 20.50
N PRO B 299 11.35 7.15 21.74
CA PRO B 299 10.62 6.46 22.81
C PRO B 299 9.23 7.03 23.03
N GLY B 300 8.29 6.14 23.34
CA GLY B 300 6.94 6.52 23.69
C GLY B 300 6.00 6.68 22.52
N TYR B 301 6.44 6.44 21.29
CA TYR B 301 5.63 6.60 20.11
C TYR B 301 5.61 5.31 19.31
N GLU B 302 4.75 5.29 18.28
CA GLU B 302 4.55 4.10 17.45
C GLU B 302 5.81 3.77 16.65
N ALA B 303 6.87 3.35 17.32
CA ALA B 303 8.11 2.97 16.66
C ALA B 303 8.71 1.77 17.38
N PRO B 304 9.50 0.95 16.67
CA PRO B 304 10.06 -0.27 17.29
C PRO B 304 11.28 0.01 18.17
N VAL B 305 11.05 0.75 19.25
CA VAL B 305 12.12 1.11 20.18
C VAL B 305 12.12 0.25 21.43
N TYR B 306 11.09 -0.58 21.65
CA TYR B 306 10.99 -1.40 22.85
C TYR B 306 11.58 -2.77 22.57
N ILE B 307 12.57 -3.16 23.37
CA ILE B 307 13.36 -4.36 23.12
C ILE B 307 12.56 -5.60 23.48
N THR B 308 11.84 -6.15 22.50
CA THR B 308 11.02 -7.33 22.70
C THR B 308 11.05 -8.17 21.43
N TRP B 309 10.59 -9.41 21.55
CA TRP B 309 10.41 -10.30 20.40
C TRP B 309 9.12 -11.09 20.61
N SER B 310 8.41 -11.35 19.52
CA SER B 310 7.08 -11.94 19.60
C SER B 310 6.79 -12.67 18.30
N GLY B 311 5.53 -13.07 18.13
CA GLY B 311 5.08 -13.74 16.92
C GLY B 311 4.90 -12.76 15.78
N PRO B 312 3.75 -12.83 15.08
CA PRO B 312 3.50 -11.87 14.00
C PRO B 312 3.00 -10.52 14.48
N ASN B 313 3.44 -10.09 15.66
CA ASN B 313 3.05 -8.80 16.22
C ASN B 313 3.98 -7.72 15.70
N ARG B 314 3.43 -6.78 14.94
CA ARG B 314 4.20 -5.73 14.28
C ARG B 314 4.43 -4.51 15.18
N SER B 315 4.37 -4.68 16.50
CA SER B 315 4.74 -3.63 17.43
C SER B 315 6.02 -3.93 18.19
N SER B 316 6.54 -5.16 18.08
CA SER B 316 7.77 -5.55 18.75
C SER B 316 8.97 -5.20 17.88
N LEU B 317 10.17 -5.46 18.41
CA LEU B 317 11.40 -5.19 17.67
C LEU B 317 11.72 -6.33 16.71
N ILE B 318 11.62 -7.57 17.18
CA ILE B 318 11.87 -8.75 16.36
C ILE B 318 10.56 -9.49 16.20
N ARG B 319 10.14 -9.68 14.95
CA ARG B 319 8.92 -10.36 14.59
C ARG B 319 9.25 -11.73 14.01
N VAL B 320 8.36 -12.69 14.24
CA VAL B 320 8.47 -14.02 13.65
C VAL B 320 7.26 -14.26 12.76
N PRO B 321 7.33 -13.98 11.47
CA PRO B 321 6.13 -14.08 10.61
C PRO B 321 5.57 -15.49 10.60
N ALA B 322 4.42 -15.63 9.91
CA ALA B 322 3.67 -16.88 9.91
C ALA B 322 4.36 -17.99 9.12
N PRO B 323 4.90 -17.71 7.93
CA PRO B 323 5.47 -18.79 7.12
C PRO B 323 6.51 -19.61 7.88
N ARG B 324 6.49 -20.92 7.63
CA ARG B 324 7.46 -21.84 8.23
C ARG B 324 8.20 -22.60 7.13
N GLY B 325 8.77 -23.75 7.47
CA GLY B 325 9.54 -24.49 6.47
C GLY B 325 10.81 -23.75 6.10
N ASN B 326 11.13 -23.77 4.81
CA ASN B 326 12.28 -23.02 4.30
C ASN B 326 12.01 -21.52 4.22
N SER B 327 10.85 -21.08 4.68
CA SER B 327 10.53 -19.66 4.78
C SER B 327 10.59 -19.14 6.22
N THR B 328 10.88 -20.01 7.18
CA THR B 328 10.99 -19.58 8.57
C THR B 328 12.07 -18.51 8.70
N ARG B 329 11.73 -17.40 9.33
CA ARG B 329 12.63 -16.26 9.40
C ARG B 329 12.25 -15.41 10.62
N ILE B 330 13.07 -14.41 10.88
CA ILE B 330 12.77 -13.39 11.89
C ILE B 330 12.94 -12.03 11.22
N GLU B 331 12.09 -11.09 11.60
CA GLU B 331 12.09 -9.75 11.03
C GLU B 331 12.53 -8.76 12.10
N ILE B 332 13.68 -8.12 11.88
CA ILE B 332 14.19 -7.09 12.78
C ILE B 332 13.78 -5.74 12.22
N ARG B 333 13.01 -4.99 13.00
CA ARG B 333 12.28 -3.82 12.49
C ARG B 333 12.92 -2.49 12.89
N SER B 334 14.02 -2.50 13.64
CA SER B 334 14.62 -1.28 14.14
C SER B 334 15.48 -0.56 13.11
N PRO B 335 16.19 -1.27 12.23
CA PRO B 335 17.05 -0.59 11.26
C PRO B 335 16.27 0.30 10.30
N ASP B 336 16.97 1.30 9.76
CA ASP B 336 16.44 2.17 8.71
C ASP B 336 17.39 2.19 7.53
N PRO B 337 16.91 2.61 6.35
CA PRO B 337 17.68 2.39 5.11
C PRO B 337 18.99 3.15 5.02
N SER B 338 19.27 4.08 5.93
CA SER B 338 20.50 4.88 5.79
C SER B 338 21.74 4.13 6.26
N CYS B 339 21.59 2.93 6.81
CA CYS B 339 22.72 2.21 7.36
C CYS B 339 23.58 1.60 6.25
N ASN B 340 24.83 1.32 6.59
CA ASN B 340 25.74 0.58 5.71
C ASN B 340 25.35 -0.89 5.75
N PRO B 341 24.81 -1.44 4.66
CA PRO B 341 24.32 -2.83 4.73
C PRO B 341 25.39 -3.85 5.05
N TYR B 342 26.64 -3.61 4.62
CA TYR B 342 27.71 -4.55 4.96
C TYR B 342 27.94 -4.60 6.46
N LEU B 343 27.97 -3.44 7.11
CA LEU B 343 28.22 -3.39 8.54
C LEU B 343 26.99 -3.82 9.35
N ALA B 344 25.80 -3.47 8.87
CA ALA B 344 24.58 -3.86 9.57
C ALA B 344 24.43 -5.38 9.58
N PHE B 345 24.55 -6.02 8.40
CA PHE B 345 24.45 -7.47 8.34
C PHE B 345 25.56 -8.13 9.14
N ALA B 346 26.76 -7.52 9.15
CA ALA B 346 27.86 -8.09 9.91
C ALA B 346 27.57 -8.03 11.41
N ALA B 347 27.03 -6.91 11.89
CA ALA B 347 26.76 -6.77 13.32
C ALA B 347 25.64 -7.71 13.76
N ILE B 348 24.61 -7.86 12.93
CA ILE B 348 23.51 -8.75 13.28
C ILE B 348 23.99 -10.20 13.29
N LEU B 349 24.75 -10.60 12.27
CA LEU B 349 25.27 -11.96 12.22
C LEU B 349 26.17 -12.25 13.41
N ALA B 350 27.02 -11.29 13.78
CA ALA B 350 27.93 -11.50 14.91
C ALA B 350 27.16 -11.69 16.20
N ALA B 351 26.18 -10.82 16.46
CA ALA B 351 25.38 -10.94 17.69
C ALA B 351 24.57 -12.23 17.69
N GLY B 352 23.91 -12.52 16.57
CA GLY B 352 23.10 -13.73 16.51
C GLY B 352 23.92 -14.99 16.71
N LEU B 353 25.10 -15.05 16.10
CA LEU B 353 25.97 -16.21 16.30
C LEU B 353 26.44 -16.30 17.74
N ASP B 354 26.74 -15.16 18.37
CA ASP B 354 27.09 -15.17 19.78
C ASP B 354 25.98 -15.80 20.62
N GLY B 355 24.73 -15.61 20.21
CA GLY B 355 23.63 -16.24 20.93
C GLY B 355 23.54 -17.73 20.67
N VAL B 356 23.81 -18.15 19.44
CA VAL B 356 23.78 -19.58 19.12
C VAL B 356 24.98 -20.28 19.74
N LYS B 357 26.17 -19.70 19.59
CA LYS B 357 27.38 -20.32 20.11
C LYS B 357 27.30 -20.54 21.62
N ASN B 358 26.67 -19.62 22.34
CA ASN B 358 26.67 -19.63 23.80
C ASN B 358 25.33 -19.97 24.41
N LYS B 359 24.33 -20.30 23.59
CA LYS B 359 23.00 -20.69 24.09
C LYS B 359 22.42 -19.60 24.98
N ILE B 360 22.37 -18.38 24.47
CA ILE B 360 21.81 -17.24 25.19
C ILE B 360 20.28 -17.34 25.11
N GLU B 361 19.65 -17.57 26.24
CA GLU B 361 18.18 -17.67 26.27
C GLU B 361 17.58 -16.29 26.02
N PRO B 362 16.59 -16.16 25.14
CA PRO B 362 15.93 -14.87 24.95
C PRO B 362 14.85 -14.65 26.01
N PRO B 363 14.38 -13.41 26.16
CA PRO B 363 13.34 -13.15 27.16
C PRO B 363 11.98 -13.68 26.73
N GLU B 364 10.98 -13.52 27.61
CA GLU B 364 9.63 -13.95 27.28
C GLU B 364 9.11 -13.18 26.07
N ARG B 365 8.25 -13.84 25.30
CA ARG B 365 7.58 -13.15 24.20
C ARG B 365 6.53 -12.19 24.74
N VAL B 366 6.28 -11.13 24.00
CA VAL B 366 5.27 -10.13 24.33
C VAL B 366 4.32 -10.04 23.15
N GLU B 367 3.21 -10.78 23.21
CA GLU B 367 2.24 -10.81 22.13
C GLU B 367 1.20 -9.69 22.23
N LYS B 368 1.33 -8.79 23.20
CA LYS B 368 0.43 -7.66 23.33
C LYS B 368 0.92 -6.49 22.47
N ASN B 369 0.03 -5.53 22.26
CA ASN B 369 0.38 -4.30 21.56
C ASN B 369 1.29 -3.48 22.47
N ILE B 370 2.60 -3.54 22.20
CA ILE B 370 3.56 -2.85 23.06
C ILE B 370 3.41 -1.33 22.95
N TYR B 371 2.95 -0.84 21.80
CA TYR B 371 2.81 0.60 21.63
C TYR B 371 1.79 1.19 22.59
N LYS B 372 0.79 0.40 22.99
CA LYS B 372 -0.29 0.88 23.85
C LYS B 372 -0.04 0.55 25.32
N LEU B 373 1.16 0.14 25.69
CA LEU B 373 1.46 -0.20 27.07
C LEU B 373 1.88 1.04 27.86
N THR B 374 1.69 0.97 29.17
CA THR B 374 2.08 2.04 30.07
C THR B 374 3.53 1.84 30.50
N GLU B 375 4.20 2.96 30.80
CA GLU B 375 5.56 2.88 31.31
C GLU B 375 5.62 2.00 32.55
N GLU B 376 4.62 2.12 33.43
CA GLU B 376 4.52 1.21 34.57
C GLU B 376 4.39 -0.23 34.10
N GLU B 377 3.50 -0.48 33.12
CA GLU B 377 3.31 -1.83 32.62
C GLU B 377 4.58 -2.37 31.99
N ARG B 378 5.31 -1.53 31.26
CA ARG B 378 6.56 -1.98 30.64
C ARG B 378 7.60 -2.35 31.69
N GLU B 379 7.63 -1.61 32.80
CA GLU B 379 8.60 -1.94 33.85
C GLU B 379 8.28 -3.28 34.49
N LYS B 380 6.99 -3.58 34.69
CA LYS B 380 6.63 -4.87 35.28
C LYS B 380 7.08 -6.03 34.40
N LEU B 381 7.02 -5.85 33.08
CA LEU B 381 7.47 -6.87 32.13
C LEU B 381 8.96 -6.79 31.85
N GLY B 382 9.67 -5.83 32.43
CA GLY B 382 11.09 -5.70 32.19
C GLY B 382 11.47 -5.28 30.79
N ILE B 383 10.56 -4.61 30.07
CA ILE B 383 10.81 -4.21 28.70
C ILE B 383 11.69 -2.97 28.70
N GLY B 384 12.88 -3.08 28.12
CA GLY B 384 13.77 -1.94 27.95
C GLY B 384 13.57 -1.27 26.60
N MET B 385 14.33 -0.19 26.40
CA MET B 385 14.20 0.64 25.21
C MET B 385 15.56 0.82 24.56
N LEU B 386 15.54 1.16 23.27
CA LEU B 386 16.74 1.44 22.51
C LEU B 386 17.29 2.81 22.89
N PRO B 387 18.55 3.10 22.53
CA PRO B 387 19.09 4.43 22.76
C PRO B 387 18.20 5.51 22.15
N GLY B 388 18.15 6.66 22.82
CA GLY B 388 17.29 7.74 22.39
C GLY B 388 17.95 8.69 21.42
N THR B 389 19.28 8.82 21.51
CA THR B 389 20.04 9.73 20.67
C THR B 389 21.22 8.98 20.05
N LEU B 390 21.84 9.61 19.05
CA LEU B 390 23.01 9.01 18.43
C LEU B 390 24.16 8.87 19.43
N LYS B 391 24.39 9.91 20.24
CA LYS B 391 25.43 9.82 21.26
C LYS B 391 25.14 8.70 22.24
N GLU B 392 23.86 8.46 22.53
CA GLU B 392 23.50 7.39 23.46
C GLU B 392 23.87 6.02 22.88
N ALA B 393 23.66 5.82 21.58
CA ALA B 393 23.96 4.54 20.96
C ALA B 393 25.46 4.35 20.76
N ILE B 394 26.20 5.43 20.46
CA ILE B 394 27.64 5.31 20.30
C ILE B 394 28.29 4.89 21.61
N GLU B 395 27.84 5.49 22.73
CA GLU B 395 28.36 5.06 24.02
C GLU B 395 28.06 3.60 24.27
N CYS B 396 26.87 3.14 23.89
CA CYS B 396 26.54 1.72 24.03
C CYS B 396 27.40 0.86 23.11
N PHE B 397 27.73 1.37 21.92
CA PHE B 397 28.55 0.61 20.98
C PHE B 397 29.99 0.50 21.45
N LYS B 398 30.51 1.57 22.06
CA LYS B 398 31.87 1.53 22.60
C LYS B 398 32.05 0.37 23.58
N GLU B 399 31.05 0.12 24.42
CA GLU B 399 31.19 -0.85 25.50
C GLU B 399 31.02 -2.29 25.03
N ASP B 400 30.35 -2.52 23.90
CA ASP B 400 30.14 -3.87 23.41
C ASP B 400 31.45 -4.44 22.89
N GLU B 401 32.13 -5.23 23.72
CA GLU B 401 33.44 -5.76 23.32
C GLU B 401 33.31 -6.75 22.17
N LEU B 402 32.21 -7.48 22.09
CA LEU B 402 32.04 -8.45 21.01
C LEU B 402 31.88 -7.75 19.67
N LEU B 403 31.03 -6.71 19.61
CA LEU B 403 30.77 -6.04 18.34
C LEU B 403 32.02 -5.35 17.82
N VAL B 404 32.73 -4.63 18.70
CA VAL B 404 33.93 -3.92 18.26
C VAL B 404 34.95 -4.91 17.72
N SER B 405 35.05 -6.09 18.34
CA SER B 405 35.98 -7.10 17.86
C SER B 405 35.52 -7.71 16.54
N ALA B 406 34.20 -7.88 16.39
CA ALA B 406 33.67 -8.48 15.17
C ALA B 406 33.81 -7.54 13.99
N LEU B 407 33.60 -6.23 14.21
CA LEU B 407 33.74 -5.27 13.14
C LEU B 407 35.18 -4.83 12.92
N GLY B 408 36.06 -5.04 13.90
CA GLY B 408 37.42 -4.58 13.81
C GLY B 408 37.59 -3.22 14.46
N GLU B 409 38.73 -3.00 15.11
CA GLU B 409 38.95 -1.73 15.79
C GLU B 409 39.05 -0.57 14.81
N HIS B 410 39.55 -0.83 13.59
CA HIS B 410 39.65 0.25 12.61
C HIS B 410 38.27 0.74 12.19
N VAL B 411 37.38 -0.18 11.81
CA VAL B 411 36.05 0.21 11.39
C VAL B 411 35.29 0.84 12.56
N SER B 412 35.37 0.21 13.74
CA SER B 412 34.64 0.72 14.89
C SER B 412 35.03 2.16 15.20
N GLN B 413 36.32 2.45 15.18
CA GLN B 413 36.75 3.81 15.49
C GLN B 413 36.28 4.80 14.43
N SER B 414 36.28 4.38 13.16
CA SER B 414 35.78 5.27 12.11
C SER B 414 34.30 5.59 12.31
N ILE B 415 33.52 4.59 12.72
CA ILE B 415 32.10 4.82 12.99
C ILE B 415 31.94 5.80 14.14
N ILE B 416 32.77 5.67 15.18
CA ILE B 416 32.67 6.55 16.33
C ILE B 416 33.12 7.96 15.96
N ASN B 417 34.12 8.07 15.08
CA ASN B 417 34.63 9.38 14.70
C ASN B 417 33.60 10.19 13.93
N VAL B 418 33.00 9.57 12.90
CA VAL B 418 32.03 10.29 12.07
C VAL B 418 30.77 10.60 12.86
N ALA B 419 30.36 9.71 13.77
CA ALA B 419 29.16 9.95 14.55
C ALA B 419 29.36 11.11 15.52
N MET B 420 30.42 11.07 16.32
CA MET B 420 30.68 12.14 17.26
C MET B 420 30.98 13.46 16.56
N ALA B 421 31.44 13.43 15.31
CA ALA B 421 31.58 14.66 14.54
C ALA B 421 30.22 15.27 14.24
N ASP B 422 29.27 14.43 13.82
CA ASP B 422 27.91 14.90 13.58
C ASP B 422 27.26 15.40 14.86
N TRP B 423 27.46 14.67 15.96
CA TRP B 423 26.80 15.04 17.21
C TRP B 423 27.35 16.36 17.75
N ASP B 424 28.67 16.51 17.79
CA ASP B 424 29.25 17.74 18.33
C ASP B 424 28.80 18.97 17.55
N SER B 425 28.42 18.80 16.28
CA SER B 425 27.85 19.90 15.52
C SER B 425 26.38 20.09 15.83
N TYR B 426 25.64 19.00 16.00
CA TYR B 426 24.19 19.08 16.16
C TYR B 426 23.81 19.65 17.53
N ARG B 427 24.57 19.31 18.58
CA ARG B 427 24.20 19.74 19.92
C ARG B 427 24.37 21.24 20.12
N THR B 428 25.23 21.89 19.33
CA THR B 428 25.43 23.32 19.45
C THR B 428 24.42 24.14 18.68
N GLN B 429 23.64 23.50 17.79
CA GLN B 429 22.77 24.23 16.88
C GLN B 429 21.59 24.85 17.63
N VAL B 430 21.13 25.99 17.11
CA VAL B 430 19.91 26.63 17.57
C VAL B 430 18.88 26.46 16.46
N HIS B 431 17.85 25.67 16.73
CA HIS B 431 16.87 25.29 15.72
C HIS B 431 15.67 26.21 15.75
N GLN B 432 14.91 26.20 14.65
CA GLN B 432 13.73 27.05 14.55
C GLN B 432 12.72 26.73 15.65
N TRP B 433 12.60 25.45 16.02
CA TRP B 433 11.66 25.08 17.07
C TRP B 433 11.88 25.92 18.32
N GLU B 434 13.14 26.16 18.68
CA GLU B 434 13.43 26.91 19.88
C GLU B 434 13.03 28.37 19.75
N LEU B 435 13.15 28.94 18.55
CA LEU B 435 12.68 30.30 18.33
C LEU B 435 11.17 30.36 18.32
N ASP B 436 10.52 29.41 17.63
CA ASP B 436 9.06 29.39 17.57
C ASP B 436 8.44 29.21 18.95
N ARG B 437 9.18 28.63 19.90
CA ARG B 437 8.64 28.32 21.22
C ARG B 437 8.88 29.43 22.24
N TYR B 438 10.03 30.11 22.17
CA TYR B 438 10.47 31.01 23.23
C TYR B 438 10.61 32.46 22.80
N LEU B 439 10.81 32.77 21.52
CA LEU B 439 11.22 34.11 21.14
C LEU B 439 10.16 35.15 21.50
N GLN B 440 8.89 34.86 21.20
CA GLN B 440 7.84 35.84 21.47
C GLN B 440 7.63 36.04 22.96
N THR B 441 7.78 34.99 23.75
CA THR B 441 7.45 35.05 25.18
C THR B 441 8.58 35.58 26.04
N TYR B 442 9.81 35.15 25.78
CA TYR B 442 10.93 35.48 26.64
C TYR B 442 11.76 36.63 26.09
#